data_6X83
#
_entry.id   6X83
#
_cell.length_a   288.773
_cell.length_b   54.480
_cell.length_c   67.734
_cell.angle_alpha   90.000
_cell.angle_beta   90.000
_cell.angle_gamma   90.000
#
_symmetry.space_group_name_H-M   'P 21 21 2'
#
loop_
_entity.id
_entity.type
_entity.pdbx_description
1 polymer 'Tumor necrosis factor'
2 non-polymer 1-benzyl-1H-benzimidazole
3 water water
#
_entity_poly.entity_id   1
_entity_poly.type   'polypeptide(L)'
_entity_poly.pdbx_seq_one_letter_code
;MVRSSSRTPSDKPVAHVVANPQAEGQLQWLNRRANALLANGVELRDNQLVVPSEGLYLIYSQVLFKGQGCPSTHVLLTHT
ISRIAVSYQTKVNLLSAIKSPCQRETPEGAEAKPWYEPIYLGGVFQLEKGDRLSAEINRPDYLDFAESGQVYFGIIAL
;
_entity_poly.pdbx_strand_id   A,B,C,D,E,F
#
# COMPACT_ATOMS: atom_id res chain seq x y z
N SER A 10 -0.92 -32.13 -1.91
CA SER A 10 -0.80 -32.12 -3.38
C SER A 10 -2.20 -32.24 -4.08
N ASP A 11 -2.38 -31.75 -5.34
CA ASP A 11 -1.40 -31.01 -6.15
C ASP A 11 -1.75 -29.52 -6.18
N LYS A 12 -0.68 -28.70 -6.18
CA LYS A 12 -0.65 -27.25 -6.11
C LYS A 12 -1.24 -26.50 -7.31
N PRO A 13 -2.22 -25.61 -7.08
CA PRO A 13 -2.75 -24.77 -8.17
C PRO A 13 -1.68 -23.84 -8.76
N VAL A 14 -1.54 -23.85 -10.09
CA VAL A 14 -0.57 -23.02 -10.81
C VAL A 14 -1.17 -22.50 -12.14
N ALA A 15 -0.58 -21.43 -12.69
CA ALA A 15 -0.97 -20.86 -13.96
C ALA A 15 0.16 -20.01 -14.53
N HIS A 16 0.31 -20.03 -15.87
CA HIS A 16 1.28 -19.25 -16.62
C HIS A 16 0.60 -18.95 -17.97
N VAL A 17 0.11 -17.73 -18.10
CA VAL A 17 -0.59 -17.25 -19.27
C VAL A 17 0.31 -16.25 -20.03
N VAL A 18 0.19 -16.23 -21.33
CA VAL A 18 0.98 -15.38 -22.22
C VAL A 18 0.08 -14.43 -23.01
N ALA A 19 0.62 -13.25 -23.35
CA ALA A 19 -0.14 -12.27 -24.11
C ALA A 19 -0.39 -12.78 -25.52
N ASN A 20 -1.55 -12.50 -26.08
CA ASN A 20 -1.88 -12.84 -27.45
C ASN A 20 -1.26 -11.75 -28.38
N PRO A 21 -0.26 -12.10 -29.22
CA PRO A 21 0.39 -11.07 -30.06
C PRO A 21 -0.49 -10.55 -31.20
N GLN A 22 -1.59 -11.27 -31.51
CA GLN A 22 -2.51 -10.92 -32.58
C GLN A 22 -3.63 -9.98 -32.06
N ALA A 23 -3.79 -9.84 -30.72
CA ALA A 23 -4.80 -9.00 -30.09
C ALA A 23 -4.31 -7.55 -30.11
N GLU A 24 -4.77 -6.75 -31.10
CA GLU A 24 -4.33 -5.35 -31.23
C GLU A 24 -4.94 -4.48 -30.14
N GLY A 25 -4.11 -3.60 -29.61
CA GLY A 25 -4.45 -2.63 -28.56
C GLY A 25 -4.99 -3.19 -27.26
N GLN A 26 -4.54 -4.40 -26.85
CA GLN A 26 -4.95 -5.12 -25.63
C GLN A 26 -3.79 -5.97 -25.06
N LEU A 27 -3.87 -6.25 -23.77
CA LEU A 27 -2.99 -7.20 -23.12
C LEU A 27 -3.92 -8.39 -22.79
N GLN A 28 -4.04 -9.31 -23.76
CA GLN A 28 -4.97 -10.43 -23.67
C GLN A 28 -4.26 -11.71 -23.32
N TRP A 29 -4.54 -12.22 -22.14
CA TRP A 29 -3.94 -13.44 -21.61
C TRP A 29 -4.54 -14.69 -22.23
N LEU A 30 -3.67 -15.57 -22.68
CA LEU A 30 -3.96 -16.85 -23.33
C LEU A 30 -3.34 -18.00 -22.54
N ASN A 31 -4.06 -19.13 -22.42
CA ASN A 31 -3.52 -20.35 -21.79
C ASN A 31 -3.59 -21.51 -22.79
N ARG A 32 -4.33 -21.29 -23.90
CA ARG A 32 -4.60 -22.29 -24.93
C ARG A 32 -3.63 -22.22 -26.12
N ARG A 33 -2.35 -21.90 -25.85
CA ARG A 33 -1.22 -21.82 -26.81
C ARG A 33 -0.16 -22.70 -26.21
N ALA A 34 0.77 -23.24 -27.02
CA ALA A 34 1.87 -24.05 -26.45
C ALA A 34 2.68 -23.19 -25.42
N ASN A 35 3.23 -23.85 -24.36
CA ASN A 35 4.07 -23.30 -23.28
C ASN A 35 3.32 -22.36 -22.30
N ALA A 36 1.98 -22.40 -22.35
CA ALA A 36 1.09 -21.67 -21.45
C ALA A 36 0.17 -22.70 -20.79
N LEU A 37 -0.14 -22.52 -19.50
CA LEU A 37 -1.00 -23.47 -18.80
C LEU A 37 -1.82 -22.89 -17.65
N LEU A 38 -2.81 -23.68 -17.25
CA LEU A 38 -3.76 -23.51 -16.17
C LEU A 38 -3.80 -24.90 -15.54
N ALA A 39 -3.55 -25.02 -14.21
CA ALA A 39 -3.53 -26.33 -13.55
C ALA A 39 -4.15 -26.32 -12.16
N ASN A 40 -4.62 -27.51 -11.72
CA ASN A 40 -5.24 -27.81 -10.44
C ASN A 40 -6.27 -26.76 -9.95
N GLY A 41 -7.17 -26.37 -10.84
CA GLY A 41 -8.27 -25.46 -10.50
C GLY A 41 -8.19 -24.00 -10.89
N VAL A 42 -6.99 -23.48 -11.29
CA VAL A 42 -6.90 -22.08 -11.68
C VAL A 42 -7.68 -21.89 -12.99
N GLU A 43 -8.38 -20.75 -13.10
CA GLU A 43 -9.13 -20.44 -14.31
C GLU A 43 -8.84 -19.08 -14.90
N LEU A 44 -9.02 -18.94 -16.17
CA LEU A 44 -8.87 -17.69 -16.87
C LEU A 44 -10.31 -17.36 -17.24
N ARG A 45 -10.84 -16.23 -16.71
CA ARG A 45 -12.23 -15.79 -16.89
C ARG A 45 -12.21 -14.28 -17.05
N ASP A 46 -12.74 -13.76 -18.14
CA ASP A 46 -12.77 -12.32 -18.45
C ASP A 46 -11.39 -11.66 -18.30
N ASN A 47 -10.34 -12.35 -18.80
CA ASN A 47 -8.93 -11.94 -18.79
C ASN A 47 -8.34 -11.85 -17.37
N GLN A 48 -8.90 -12.64 -16.43
CA GLN A 48 -8.47 -12.70 -15.02
C GLN A 48 -8.26 -14.12 -14.56
N LEU A 49 -7.24 -14.33 -13.71
CA LEU A 49 -6.93 -15.62 -13.13
C LEU A 49 -7.78 -15.75 -11.88
N VAL A 50 -8.46 -16.87 -11.76
CA VAL A 50 -9.35 -17.13 -10.63
C VAL A 50 -8.70 -18.16 -9.69
N VAL A 51 -8.48 -17.74 -8.45
CA VAL A 51 -7.86 -18.53 -7.38
C VAL A 51 -8.85 -19.65 -6.93
N PRO A 52 -8.45 -20.91 -7.03
CA PRO A 52 -9.35 -22.02 -6.65
C PRO A 52 -9.46 -22.35 -5.17
N SER A 53 -8.39 -22.08 -4.37
CA SER A 53 -8.36 -22.40 -2.94
C SER A 53 -7.52 -21.39 -2.17
N GLU A 54 -7.79 -21.26 -0.85
CA GLU A 54 -7.06 -20.36 0.04
C GLU A 54 -5.61 -20.82 0.21
N GLY A 55 -4.69 -19.86 0.39
CA GLY A 55 -3.27 -20.15 0.61
C GLY A 55 -2.33 -19.03 0.20
N LEU A 56 -1.01 -19.29 0.36
CA LEU A 56 0.05 -18.38 0.00
C LEU A 56 0.40 -18.62 -1.46
N TYR A 57 0.35 -17.55 -2.27
CA TYR A 57 0.66 -17.65 -3.68
C TYR A 57 1.77 -16.72 -4.05
N LEU A 58 2.61 -17.16 -4.94
CA LEU A 58 3.63 -16.33 -5.53
C LEU A 58 2.96 -15.82 -6.81
N ILE A 59 2.80 -14.50 -6.94
CA ILE A 59 2.20 -13.86 -8.11
C ILE A 59 3.32 -13.22 -8.87
N TYR A 60 3.41 -13.47 -10.19
CA TYR A 60 4.45 -12.93 -11.03
C TYR A 60 3.92 -12.46 -12.37
N SER A 61 4.63 -11.47 -12.95
CA SER A 61 4.29 -10.85 -14.21
C SER A 61 5.44 -10.12 -14.85
N GLN A 62 5.54 -10.17 -16.16
CA GLN A 62 6.54 -9.43 -16.92
C GLN A 62 5.92 -8.89 -18.21
N VAL A 63 6.25 -7.63 -18.53
CA VAL A 63 5.79 -7.05 -19.77
C VAL A 63 6.97 -6.37 -20.43
N LEU A 64 7.14 -6.55 -21.73
CA LEU A 64 8.24 -5.86 -22.36
C LEU A 64 7.70 -4.72 -23.18
N PHE A 65 8.16 -3.51 -22.91
CA PHE A 65 7.76 -2.36 -23.70
C PHE A 65 8.90 -2.04 -24.66
N LYS A 66 8.56 -1.60 -25.88
CA LYS A 66 9.50 -1.24 -26.93
C LYS A 66 8.94 -0.05 -27.70
N GLY A 67 9.77 0.97 -27.85
CA GLY A 67 9.43 2.17 -28.58
C GLY A 67 10.49 2.42 -29.62
N GLN A 68 10.15 3.26 -30.61
CA GLN A 68 11.03 3.66 -31.67
C GLN A 68 11.26 5.14 -31.46
N GLY A 69 12.30 5.45 -30.70
CA GLY A 69 12.71 6.79 -30.37
C GLY A 69 11.90 7.44 -29.27
N CYS A 70 12.13 8.75 -29.08
CA CYS A 70 11.46 9.55 -28.04
C CYS A 70 10.60 10.66 -28.60
N PRO A 71 9.25 10.50 -28.55
CA PRO A 71 8.37 11.58 -29.04
C PRO A 71 8.18 12.70 -27.99
N SER A 72 7.52 13.81 -28.40
CA SER A 72 7.24 15.01 -27.58
C SER A 72 6.97 14.71 -26.10
N THR A 73 7.70 15.45 -25.22
CA THR A 73 7.76 15.36 -23.75
C THR A 73 8.08 13.89 -23.37
N HIS A 74 7.47 13.36 -22.29
CA HIS A 74 7.72 11.99 -21.86
C HIS A 74 6.45 11.17 -21.75
N VAL A 75 6.64 9.87 -22.00
CA VAL A 75 5.68 8.77 -22.03
C VAL A 75 5.72 8.09 -20.66
N LEU A 76 4.54 7.71 -20.13
CA LEU A 76 4.45 6.95 -18.90
C LEU A 76 4.00 5.53 -19.17
N LEU A 77 4.75 4.55 -18.65
CA LEU A 77 4.45 3.13 -18.81
C LEU A 77 4.13 2.58 -17.45
N THR A 78 2.97 1.93 -17.31
CA THR A 78 2.56 1.33 -16.04
C THR A 78 2.17 -0.12 -16.22
N HIS A 79 2.35 -0.89 -15.16
CA HIS A 79 1.99 -2.29 -15.09
C HIS A 79 1.49 -2.52 -13.66
N THR A 80 0.28 -3.07 -13.55
CA THR A 80 -0.38 -3.30 -12.26
C THR A 80 -1.06 -4.68 -12.18
N ILE A 81 -0.92 -5.33 -11.03
CA ILE A 81 -1.62 -6.57 -10.69
C ILE A 81 -2.61 -6.18 -9.60
N SER A 82 -3.89 -6.48 -9.82
CA SER A 82 -4.97 -6.16 -8.88
C SER A 82 -5.74 -7.39 -8.42
N ARG A 83 -6.37 -7.33 -7.25
CA ARG A 83 -7.16 -8.45 -6.78
C ARG A 83 -8.54 -8.02 -6.37
N ILE A 84 -9.58 -8.60 -7.01
CA ILE A 84 -11.02 -8.40 -6.74
C ILE A 84 -11.48 -9.70 -5.97
N ALA A 85 -11.95 -9.54 -4.72
CA ALA A 85 -12.36 -10.66 -3.85
C ALA A 85 -13.87 -10.80 -3.81
N VAL A 86 -14.37 -12.00 -3.43
CA VAL A 86 -15.82 -12.27 -3.39
C VAL A 86 -16.46 -11.53 -2.21
N SER A 87 -15.88 -11.66 -1.00
CA SER A 87 -16.35 -11.00 0.22
C SER A 87 -16.26 -9.48 0.01
N TYR A 88 -17.41 -8.77 0.16
CA TYR A 88 -17.55 -7.31 0.03
C TYR A 88 -17.15 -6.77 -1.35
N GLN A 89 -16.85 -7.69 -2.33
CA GLN A 89 -16.36 -7.35 -3.68
C GLN A 89 -15.23 -6.34 -3.52
N THR A 90 -14.24 -6.69 -2.65
CA THR A 90 -13.10 -5.85 -2.26
C THR A 90 -12.14 -5.75 -3.42
N LYS A 91 -11.84 -4.52 -3.84
CA LYS A 91 -10.97 -4.27 -4.98
C LYS A 91 -9.67 -3.70 -4.48
N VAL A 92 -8.71 -4.58 -4.24
CA VAL A 92 -7.38 -4.21 -3.75
C VAL A 92 -6.35 -4.18 -4.92
N ASN A 93 -5.25 -3.43 -4.80
CA ASN A 93 -4.18 -3.28 -5.82
C ASN A 93 -2.88 -3.86 -5.22
N LEU A 94 -2.33 -4.95 -5.81
CA LEU A 94 -1.28 -5.71 -5.14
C LEU A 94 0.14 -5.25 -5.43
N LEU A 95 0.44 -5.16 -6.72
CA LEU A 95 1.73 -4.78 -7.24
C LEU A 95 1.52 -3.75 -8.33
N SER A 96 2.35 -2.71 -8.33
CA SER A 96 2.27 -1.65 -9.33
C SER A 96 3.66 -1.10 -9.57
N ALA A 97 3.91 -0.66 -10.79
CA ALA A 97 5.19 -0.07 -11.18
C ALA A 97 4.98 0.94 -12.31
N ILE A 98 5.73 2.03 -12.29
CA ILE A 98 5.67 3.10 -13.29
C ILE A 98 7.07 3.33 -13.86
N LYS A 99 7.16 3.58 -15.17
CA LYS A 99 8.43 3.81 -15.88
C LYS A 99 8.33 4.93 -16.91
N SER A 100 9.35 5.81 -16.95
CA SER A 100 9.48 6.91 -17.90
C SER A 100 10.65 6.54 -18.83
N PRO A 101 10.39 5.91 -19.98
CA PRO A 101 11.50 5.46 -20.83
C PRO A 101 12.26 6.56 -21.58
N CYS A 102 11.63 7.73 -21.75
CA CYS A 102 12.20 8.85 -22.48
C CYS A 102 12.82 9.95 -21.60
N GLN A 103 14.12 10.27 -21.86
CA GLN A 103 14.94 11.27 -21.16
C GLN A 103 15.81 12.04 -22.17
N ALA A 112 15.83 8.23 -35.01
CA ALA A 112 15.49 8.00 -33.60
C ALA A 112 15.69 6.51 -33.25
N LYS A 113 16.58 6.23 -32.27
CA LYS A 113 16.98 4.87 -31.84
C LYS A 113 15.93 4.14 -30.95
N PRO A 114 15.78 2.78 -31.09
CA PRO A 114 14.78 2.05 -30.28
C PRO A 114 15.15 1.83 -28.82
N TRP A 115 14.14 1.85 -27.94
CA TRP A 115 14.31 1.58 -26.51
C TRP A 115 13.50 0.37 -26.09
N TYR A 116 14.00 -0.36 -25.07
CA TYR A 116 13.33 -1.54 -24.53
C TYR A 116 13.23 -1.37 -23.04
N GLU A 117 12.01 -1.52 -22.48
CA GLU A 117 11.80 -1.38 -21.05
C GLU A 117 10.93 -2.51 -20.46
N PRO A 118 11.53 -3.53 -19.81
CA PRO A 118 10.67 -4.57 -19.20
C PRO A 118 10.18 -4.11 -17.83
N ILE A 119 8.97 -4.51 -17.45
CA ILE A 119 8.44 -4.23 -16.14
C ILE A 119 8.16 -5.60 -15.52
N TYR A 120 8.74 -5.82 -14.31
CA TYR A 120 8.57 -7.05 -13.56
C TYR A 120 7.73 -6.74 -12.35
N LEU A 121 6.81 -7.64 -12.03
CA LEU A 121 5.96 -7.53 -10.85
C LEU A 121 5.88 -8.90 -10.23
N GLY A 122 6.07 -8.95 -8.94
CA GLY A 122 6.06 -10.21 -8.22
C GLY A 122 6.07 -10.07 -6.73
N GLY A 123 5.54 -11.08 -6.08
CA GLY A 123 5.45 -11.11 -4.62
C GLY A 123 4.66 -12.29 -4.12
N VAL A 124 4.72 -12.49 -2.78
CA VAL A 124 4.00 -13.54 -2.10
C VAL A 124 2.82 -12.90 -1.37
N PHE A 125 1.60 -13.39 -1.69
CA PHE A 125 0.36 -12.87 -1.13
C PHE A 125 -0.51 -13.98 -0.59
N GLN A 126 -1.33 -13.65 0.41
CA GLN A 126 -2.34 -14.56 0.97
C GLN A 126 -3.61 -14.32 0.16
N LEU A 127 -4.06 -15.34 -0.59
CA LEU A 127 -5.25 -15.24 -1.42
C LEU A 127 -6.34 -16.20 -0.93
N GLU A 128 -7.59 -15.88 -1.26
CA GLU A 128 -8.76 -16.66 -0.87
C GLU A 128 -9.48 -17.25 -2.07
N LYS A 129 -10.29 -18.29 -1.85
CA LYS A 129 -11.08 -18.93 -2.91
C LYS A 129 -11.98 -17.90 -3.61
N GLY A 130 -11.88 -17.83 -4.93
CA GLY A 130 -12.70 -16.94 -5.75
C GLY A 130 -12.11 -15.57 -6.07
N ASP A 131 -10.92 -15.28 -5.55
CA ASP A 131 -10.22 -14.01 -5.80
C ASP A 131 -9.91 -13.97 -7.29
N ARG A 132 -10.11 -12.82 -7.91
CA ARG A 132 -9.81 -12.69 -9.33
C ARG A 132 -8.67 -11.71 -9.49
N LEU A 133 -7.59 -12.15 -10.13
CA LEU A 133 -6.40 -11.35 -10.31
C LEU A 133 -6.26 -10.92 -11.75
N SER A 134 -5.92 -9.64 -11.98
CA SER A 134 -5.73 -9.10 -13.30
C SER A 134 -4.35 -8.47 -13.39
N ALA A 135 -3.71 -8.54 -14.57
CA ALA A 135 -2.40 -7.96 -14.84
C ALA A 135 -2.59 -6.98 -16.01
N GLU A 136 -2.53 -5.67 -15.73
CA GLU A 136 -2.85 -4.64 -16.74
C GLU A 136 -1.78 -3.64 -17.02
N ILE A 137 -1.79 -3.07 -18.22
CA ILE A 137 -0.86 -2.02 -18.66
C ILE A 137 -1.64 -0.80 -19.13
N ASN A 138 -0.99 0.37 -19.16
CA ASN A 138 -1.65 1.58 -19.67
C ASN A 138 -1.52 1.75 -21.19
N ARG A 139 -0.35 1.40 -21.78
CA ARG A 139 -0.09 1.58 -23.22
C ARG A 139 0.18 0.25 -23.96
N PRO A 140 -0.87 -0.38 -24.55
CA PRO A 140 -0.65 -1.62 -25.30
C PRO A 140 0.00 -1.39 -26.65
N ASP A 141 0.11 -0.10 -27.08
CA ASP A 141 0.74 0.29 -28.35
C ASP A 141 2.24 0.12 -28.31
N TYR A 142 2.82 0.16 -27.08
CA TYR A 142 4.25 0.00 -26.83
C TYR A 142 4.64 -1.43 -26.44
N LEU A 143 3.65 -2.34 -26.39
CA LEU A 143 3.88 -3.73 -26.01
C LEU A 143 4.71 -4.43 -27.06
N ASP A 144 5.71 -5.23 -26.64
CA ASP A 144 6.60 -5.96 -27.56
C ASP A 144 6.38 -7.46 -27.55
N PHE A 145 5.89 -7.92 -28.71
CA PHE A 145 5.60 -9.29 -29.08
C PHE A 145 6.51 -9.76 -30.23
N ALA A 146 7.71 -9.14 -30.43
CA ALA A 146 8.63 -9.55 -31.52
C ALA A 146 8.73 -11.08 -31.50
N GLU A 147 9.23 -11.62 -30.38
CA GLU A 147 9.38 -13.05 -30.13
C GLU A 147 8.44 -13.56 -29.02
N SER A 148 8.47 -14.86 -28.77
CA SER A 148 7.70 -15.51 -27.73
C SER A 148 8.46 -15.53 -26.34
N GLY A 149 7.66 -15.46 -25.29
CA GLY A 149 8.13 -15.46 -23.91
C GLY A 149 8.55 -14.12 -23.34
N GLN A 150 8.07 -13.01 -23.91
CA GLN A 150 8.47 -11.67 -23.46
C GLN A 150 7.43 -10.99 -22.57
N VAL A 151 6.20 -11.53 -22.52
CA VAL A 151 5.10 -10.95 -21.76
C VAL A 151 4.20 -12.10 -21.28
N TYR A 152 4.17 -12.29 -19.96
CA TYR A 152 3.49 -13.37 -19.26
C TYR A 152 3.00 -12.92 -17.87
N PHE A 153 2.15 -13.76 -17.27
CA PHE A 153 1.47 -13.57 -15.99
C PHE A 153 1.20 -14.97 -15.49
N GLY A 154 1.52 -15.20 -14.22
CA GLY A 154 1.34 -16.49 -13.58
C GLY A 154 1.27 -16.43 -12.08
N ILE A 155 0.69 -17.47 -11.47
CA ILE A 155 0.57 -17.63 -10.03
C ILE A 155 1.02 -19.04 -9.70
N ILE A 156 1.70 -19.22 -8.55
CA ILE A 156 2.18 -20.53 -8.08
C ILE A 156 1.78 -20.64 -6.62
N ALA A 157 1.04 -21.71 -6.24
CA ALA A 157 0.67 -21.93 -4.84
C ALA A 157 1.89 -22.47 -4.10
N LEU A 158 2.21 -21.91 -2.93
CA LEU A 158 3.35 -22.35 -2.10
C LEU A 158 2.95 -23.42 -1.07
N SER B 10 6.54 -33.01 10.43
CA SER B 10 6.58 -34.40 9.96
C SER B 10 6.20 -34.56 8.47
N ASP B 11 5.29 -33.70 7.91
CA ASP B 11 4.89 -33.76 6.49
C ASP B 11 5.99 -33.15 5.56
N LYS B 12 6.21 -31.80 5.57
CA LYS B 12 7.22 -31.06 4.77
C LYS B 12 7.66 -29.76 5.46
N PRO B 13 8.89 -29.67 6.03
CA PRO B 13 9.33 -28.42 6.66
C PRO B 13 9.22 -27.22 5.72
N VAL B 14 8.53 -26.14 6.14
CA VAL B 14 8.36 -24.90 5.37
C VAL B 14 8.48 -23.67 6.25
N ALA B 15 8.74 -22.49 5.67
CA ALA B 15 8.83 -21.21 6.40
C ALA B 15 8.69 -20.05 5.45
N HIS B 16 8.07 -18.98 5.93
CA HIS B 16 7.88 -17.72 5.19
C HIS B 16 7.93 -16.65 6.22
N VAL B 17 8.99 -15.89 6.21
CA VAL B 17 9.18 -14.81 7.17
C VAL B 17 9.12 -13.47 6.47
N VAL B 18 8.77 -12.45 7.23
CA VAL B 18 8.64 -11.12 6.69
C VAL B 18 9.45 -10.12 7.51
N ALA B 19 9.89 -9.03 6.89
CA ALA B 19 10.66 -7.98 7.58
C ALA B 19 9.79 -7.31 8.60
N ASN B 20 10.37 -6.98 9.76
CA ASN B 20 9.66 -6.29 10.83
C ASN B 20 9.59 -4.81 10.46
N PRO B 21 8.38 -4.23 10.24
CA PRO B 21 8.30 -2.82 9.84
C PRO B 21 8.71 -1.81 10.90
N GLN B 22 8.80 -2.25 12.16
CA GLN B 22 9.18 -1.35 13.25
C GLN B 22 10.67 -1.35 13.50
N ALA B 23 11.36 -2.41 13.01
CA ALA B 23 12.81 -2.52 13.15
C ALA B 23 13.45 -1.59 12.10
N GLU B 24 13.66 -0.32 12.44
CA GLU B 24 14.27 0.55 11.44
C GLU B 24 15.78 0.35 11.46
N GLY B 25 16.38 0.42 10.29
CA GLY B 25 17.82 0.25 10.09
C GLY B 25 18.34 -1.17 10.19
N GLN B 26 17.44 -2.16 10.02
CA GLN B 26 17.75 -3.60 10.07
C GLN B 26 16.83 -4.36 9.12
N LEU B 27 17.26 -5.55 8.71
CA LEU B 27 16.41 -6.47 7.98
C LEU B 27 16.15 -7.60 8.99
N GLN B 28 15.10 -7.40 9.82
CA GLN B 28 14.74 -8.34 10.87
C GLN B 28 13.57 -9.21 10.48
N TRP B 29 13.84 -10.50 10.36
CA TRP B 29 12.82 -11.46 9.98
C TRP B 29 11.89 -11.80 11.13
N LEU B 30 10.57 -11.61 10.95
CA LEU B 30 9.49 -12.00 11.88
C LEU B 30 8.88 -13.37 11.50
N ASN B 31 8.71 -14.19 12.53
CA ASN B 31 8.12 -15.53 12.56
C ASN B 31 6.57 -15.52 12.36
N ARG B 32 5.90 -16.71 12.44
CA ARG B 32 4.45 -16.95 12.30
C ARG B 32 3.94 -16.65 10.90
N LEU B 38 7.06 -20.73 9.59
CA LEU B 38 7.64 -21.59 10.63
C LEU B 38 6.79 -22.87 10.83
N ALA B 39 7.05 -23.93 10.03
CA ALA B 39 6.32 -25.20 10.15
C ALA B 39 7.26 -26.39 10.07
N ASN B 40 6.85 -27.51 10.71
CA ASN B 40 7.51 -28.81 10.79
C ASN B 40 9.05 -28.75 11.04
N GLY B 41 9.46 -27.91 12.00
CA GLY B 41 10.86 -27.76 12.40
C GLY B 41 11.68 -26.59 11.87
N VAL B 42 11.17 -25.89 10.80
CA VAL B 42 11.91 -24.74 10.24
C VAL B 42 11.79 -23.59 11.19
N GLU B 43 12.79 -23.48 12.06
CA GLU B 43 12.91 -22.48 13.11
C GLU B 43 13.78 -21.32 12.64
N LEU B 44 13.37 -20.08 12.97
CA LEU B 44 14.08 -18.84 12.67
C LEU B 44 14.79 -18.54 14.01
N ARG B 45 16.04 -19.01 14.18
CA ARG B 45 16.74 -18.90 15.44
C ARG B 45 17.59 -17.62 15.67
N ASP B 46 18.47 -17.22 14.76
CA ASP B 46 19.29 -16.06 15.08
C ASP B 46 19.27 -15.08 13.88
N ASN B 47 18.06 -14.63 13.55
CA ASN B 47 17.68 -13.93 12.31
C ASN B 47 18.01 -14.85 11.10
N GLN B 48 18.09 -16.17 11.34
CA GLN B 48 18.46 -17.19 10.34
C GLN B 48 17.47 -18.35 10.35
N LEU B 49 17.18 -18.91 9.20
CA LEU B 49 16.31 -20.07 9.12
C LEU B 49 17.22 -21.30 9.31
N VAL B 50 16.86 -22.18 10.25
CA VAL B 50 17.65 -23.36 10.62
C VAL B 50 17.04 -24.60 9.97
N VAL B 51 17.79 -25.26 9.11
CA VAL B 51 17.31 -26.47 8.42
C VAL B 51 17.00 -27.63 9.41
N PRO B 52 15.76 -28.16 9.51
CA PRO B 52 15.52 -29.23 10.49
C PRO B 52 15.91 -30.65 10.08
N SER B 53 15.95 -30.93 8.79
CA SER B 53 16.32 -32.25 8.27
C SER B 53 17.03 -32.14 6.91
N GLU B 54 17.80 -33.17 6.52
CA GLU B 54 18.49 -33.23 5.24
C GLU B 54 17.48 -33.34 4.11
N GLY B 55 17.79 -32.75 2.96
CA GLY B 55 16.95 -32.79 1.78
C GLY B 55 17.09 -31.62 0.82
N LEU B 56 16.26 -31.65 -0.22
CA LEU B 56 16.22 -30.64 -1.27
C LEU B 56 15.25 -29.55 -0.84
N TYR B 57 15.73 -28.29 -0.82
CA TYR B 57 14.88 -27.17 -0.43
C TYR B 57 14.84 -26.12 -1.49
N LEU B 58 13.68 -25.53 -1.67
CA LEU B 58 13.51 -24.37 -2.56
C LEU B 58 13.66 -23.16 -1.62
N ILE B 59 14.68 -22.33 -1.85
CA ILE B 59 14.95 -21.11 -1.06
C ILE B 59 14.53 -19.90 -1.91
N TYR B 60 13.75 -18.99 -1.34
CA TYR B 60 13.25 -17.80 -2.03
C TYR B 60 13.33 -16.55 -1.18
N SER B 61 13.43 -15.39 -1.84
CA SER B 61 13.55 -14.08 -1.18
C SER B 61 13.28 -12.90 -2.08
N GLN B 62 12.79 -11.80 -1.49
CA GLN B 62 12.55 -10.53 -2.19
C GLN B 62 12.73 -9.36 -1.23
N VAL B 63 13.33 -8.26 -1.72
CA VAL B 63 13.53 -7.04 -0.93
C VAL B 63 13.18 -5.82 -1.79
N LEU B 64 12.44 -4.87 -1.24
CA LEU B 64 12.09 -3.68 -2.02
C LEU B 64 12.89 -2.50 -1.53
N PHE B 65 13.63 -1.87 -2.43
CA PHE B 65 14.40 -0.68 -2.06
C PHE B 65 13.64 0.54 -2.59
N LYS B 66 13.75 1.64 -1.87
CA LYS B 66 13.10 2.92 -2.20
C LYS B 66 14.00 4.06 -1.77
N GLY B 67 14.24 4.96 -2.69
CA GLY B 67 15.03 6.15 -2.46
C GLY B 67 14.23 7.37 -2.84
N GLN B 68 14.63 8.56 -2.37
CA GLN B 68 13.88 9.81 -2.57
C GLN B 68 14.28 10.68 -3.80
N GLY B 69 15.34 10.28 -4.48
CA GLY B 69 16.00 10.94 -5.61
C GLY B 69 17.36 10.32 -5.80
N CYS B 70 18.27 10.98 -6.53
CA CYS B 70 19.60 10.44 -6.80
C CYS B 70 20.74 11.27 -6.19
N PRO B 71 21.39 10.76 -5.11
CA PRO B 71 22.52 11.53 -4.51
C PRO B 71 23.81 11.43 -5.33
N SER B 72 24.11 10.23 -5.86
CA SER B 72 25.28 9.92 -6.72
C SER B 72 25.07 8.54 -7.42
N THR B 73 25.90 8.23 -8.45
CA THR B 73 25.85 6.95 -9.18
C THR B 73 26.53 5.81 -8.35
N HIS B 74 27.13 6.16 -7.17
CA HIS B 74 27.78 5.18 -6.29
C HIS B 74 26.80 4.58 -5.24
N VAL B 75 25.49 4.52 -5.59
CA VAL B 75 24.44 3.93 -4.77
C VAL B 75 24.32 2.47 -5.21
N LEU B 76 24.99 1.54 -4.48
CA LEU B 76 24.92 0.10 -4.77
C LEU B 76 24.00 -0.62 -3.82
N LEU B 77 23.06 -1.40 -4.38
CA LEU B 77 22.11 -2.17 -3.60
C LEU B 77 22.37 -3.64 -3.83
N THR B 78 22.50 -4.42 -2.76
CA THR B 78 22.73 -5.86 -2.85
C THR B 78 21.71 -6.61 -2.01
N HIS B 79 21.51 -7.87 -2.36
CA HIS B 79 20.70 -8.82 -1.62
C HIS B 79 21.34 -10.15 -1.79
N THR B 80 21.62 -10.82 -0.67
CA THR B 80 22.31 -12.11 -0.64
C THR B 80 21.72 -13.12 0.36
N ILE B 81 21.60 -14.37 -0.10
CA ILE B 81 21.23 -15.50 0.74
C ILE B 81 22.52 -16.31 0.93
N SER B 82 22.88 -16.59 2.19
CA SER B 82 24.07 -17.31 2.53
C SER B 82 23.80 -18.61 3.31
N ARG B 83 24.67 -19.63 3.14
CA ARG B 83 24.58 -20.87 3.89
C ARG B 83 25.75 -20.97 4.86
N ILE B 84 25.47 -21.30 6.14
CA ILE B 84 26.46 -21.59 7.14
C ILE B 84 26.22 -23.07 7.46
N ALA B 85 26.92 -23.96 6.72
CA ALA B 85 26.83 -25.43 6.81
C ALA B 85 27.26 -25.93 8.19
N VAL B 86 26.44 -26.79 8.80
CA VAL B 86 26.67 -27.29 10.17
C VAL B 86 28.00 -28.08 10.32
N SER B 87 28.49 -28.67 9.19
CA SER B 87 29.73 -29.42 9.13
C SER B 87 30.98 -28.50 9.04
N TYR B 88 31.05 -27.58 8.04
CA TYR B 88 32.21 -26.68 7.92
C TYR B 88 32.09 -25.40 8.81
N GLN B 89 30.93 -24.73 8.92
CA GLN B 89 30.70 -23.53 9.77
C GLN B 89 31.28 -22.22 9.15
N THR B 90 31.23 -22.12 7.82
CA THR B 90 31.73 -20.96 7.06
C THR B 90 30.62 -20.31 6.21
N LYS B 91 30.56 -18.96 6.12
CA LYS B 91 29.53 -18.26 5.34
C LYS B 91 29.79 -18.27 3.82
N VAL B 92 28.93 -18.96 3.04
CA VAL B 92 29.06 -19.07 1.56
C VAL B 92 27.79 -18.50 0.91
N ASN B 93 27.93 -17.68 -0.14
CA ASN B 93 26.77 -17.12 -0.88
C ASN B 93 26.13 -18.20 -1.70
N LEU B 94 24.82 -18.38 -1.53
CA LEU B 94 24.05 -19.31 -2.34
C LEU B 94 23.45 -18.54 -3.52
N LEU B 95 22.84 -17.39 -3.24
CA LEU B 95 22.18 -16.51 -4.21
C LEU B 95 22.53 -15.08 -3.89
N SER B 96 22.83 -14.28 -4.90
CA SER B 96 23.23 -12.88 -4.74
C SER B 96 22.89 -12.08 -5.96
N ALA B 97 22.68 -10.77 -5.79
CA ALA B 97 22.31 -9.84 -6.87
C ALA B 97 22.68 -8.42 -6.49
N ILE B 98 23.10 -7.61 -7.47
CA ILE B 98 23.53 -6.22 -7.30
C ILE B 98 22.74 -5.30 -8.22
N LYS B 99 22.37 -4.09 -7.75
CA LYS B 99 21.60 -3.09 -8.49
C LYS B 99 22.11 -1.66 -8.28
N SER B 100 22.20 -0.87 -9.37
CA SER B 100 22.61 0.54 -9.36
C SER B 100 21.36 1.32 -9.75
N PRO B 101 20.58 1.81 -8.75
CA PRO B 101 19.31 2.48 -9.08
C PRO B 101 19.43 3.87 -9.69
N CYS B 102 20.59 4.51 -9.50
CA CYS B 102 20.81 5.87 -9.96
C CYS B 102 21.62 5.92 -11.25
N GLN B 103 20.95 6.31 -12.37
CA GLN B 103 21.54 6.39 -13.71
C GLN B 103 21.78 7.85 -14.13
N ALA B 110 16.51 21.14 -10.05
CA ALA B 110 16.06 19.76 -10.16
C ALA B 110 15.19 19.34 -8.95
N GLU B 111 14.05 18.70 -9.24
CA GLU B 111 13.10 18.20 -8.23
C GLU B 111 13.12 16.66 -8.25
N ALA B 112 13.91 16.07 -7.32
CA ALA B 112 14.17 14.64 -7.16
C ALA B 112 12.92 13.76 -7.07
N LYS B 113 12.81 12.81 -8.01
CA LYS B 113 11.72 11.82 -8.14
C LYS B 113 12.06 10.56 -7.33
N PRO B 114 11.11 9.99 -6.55
CA PRO B 114 11.44 8.75 -5.81
C PRO B 114 11.58 7.56 -6.76
N TRP B 115 12.49 6.64 -6.42
CA TRP B 115 12.72 5.41 -7.18
C TRP B 115 12.41 4.17 -6.34
N TYR B 116 11.96 3.09 -6.99
CA TYR B 116 11.66 1.82 -6.34
C TYR B 116 12.41 0.72 -7.09
N GLU B 117 13.18 -0.10 -6.35
CA GLU B 117 13.95 -1.18 -6.96
C GLU B 117 13.86 -2.51 -6.19
N PRO B 118 13.07 -3.50 -6.67
CA PRO B 118 13.03 -4.80 -5.95
C PRO B 118 14.17 -5.72 -6.36
N ILE B 119 14.61 -6.57 -5.44
CA ILE B 119 15.63 -7.59 -5.78
C ILE B 119 15.04 -8.98 -5.43
N TYR B 120 15.07 -9.91 -6.39
CA TYR B 120 14.52 -11.27 -6.25
C TYR B 120 15.61 -12.31 -6.18
N LEU B 121 15.43 -13.35 -5.37
CA LEU B 121 16.42 -14.44 -5.24
C LEU B 121 15.68 -15.78 -5.03
N GLY B 122 16.16 -16.83 -5.65
CA GLY B 122 15.60 -18.15 -5.47
C GLY B 122 16.34 -19.28 -6.15
N GLY B 123 16.19 -20.49 -5.62
CA GLY B 123 16.78 -21.69 -6.19
C GLY B 123 16.57 -22.94 -5.36
N VAL B 124 16.93 -24.12 -5.93
CA VAL B 124 16.86 -25.43 -5.26
C VAL B 124 18.27 -25.81 -4.78
N PHE B 125 18.41 -26.10 -3.48
CA PHE B 125 19.67 -26.47 -2.89
C PHE B 125 19.55 -27.74 -2.04
N GLN B 126 20.66 -28.49 -1.91
CA GLN B 126 20.74 -29.66 -1.03
C GLN B 126 21.26 -29.14 0.30
N LEU B 127 20.43 -29.22 1.35
CA LEU B 127 20.79 -28.75 2.68
C LEU B 127 20.85 -29.93 3.68
N GLU B 128 21.61 -29.74 4.76
CA GLU B 128 21.78 -30.74 5.83
C GLU B 128 21.17 -30.24 7.15
N LYS B 129 20.87 -31.16 8.10
CA LYS B 129 20.31 -30.82 9.41
C LYS B 129 21.26 -29.83 10.12
N GLY B 130 20.74 -28.69 10.56
CA GLY B 130 21.53 -27.71 11.29
C GLY B 130 22.00 -26.51 10.49
N ASP B 131 21.98 -26.61 9.14
CA ASP B 131 22.40 -25.53 8.23
C ASP B 131 21.62 -24.27 8.52
N ARG B 132 22.30 -23.15 8.55
CA ARG B 132 21.64 -21.88 8.86
C ARG B 132 21.68 -20.99 7.65
N LEU B 133 20.52 -20.52 7.21
CA LEU B 133 20.42 -19.64 6.04
C LEU B 133 20.08 -18.23 6.46
N SER B 134 20.75 -17.25 5.88
CA SER B 134 20.49 -15.84 6.17
C SER B 134 20.19 -15.10 4.90
N ALA B 135 19.33 -14.07 4.97
CA ALA B 135 18.97 -13.25 3.82
C ALA B 135 19.30 -11.83 4.22
N GLU B 136 20.33 -11.26 3.59
CA GLU B 136 20.84 -9.95 3.97
C GLU B 136 20.92 -8.93 2.87
N ILE B 137 20.91 -7.66 3.26
CA ILE B 137 21.04 -6.51 2.38
C ILE B 137 22.19 -5.64 2.86
N ASN B 138 22.75 -4.80 1.98
CA ASN B 138 23.86 -3.91 2.35
C ASN B 138 23.36 -2.58 2.92
N ARG B 139 22.26 -2.00 2.37
CA ARG B 139 21.73 -0.71 2.82
C ARG B 139 20.30 -0.80 3.39
N PRO B 140 20.12 -0.97 4.73
CA PRO B 140 18.76 -1.03 5.28
C PRO B 140 18.09 0.33 5.33
N ASP B 141 18.86 1.41 5.08
CA ASP B 141 18.34 2.78 5.08
C ASP B 141 17.46 3.03 3.87
N TYR B 142 17.64 2.22 2.80
CA TYR B 142 16.87 2.28 1.56
C TYR B 142 15.74 1.24 1.53
N LEU B 143 15.62 0.42 2.58
CA LEU B 143 14.61 -0.61 2.64
C LEU B 143 13.21 -0.01 2.73
N ASP B 144 12.24 -0.58 2.00
CA ASP B 144 10.85 -0.12 2.00
C ASP B 144 9.92 -1.15 2.63
N PHE B 145 9.66 -0.95 3.94
CA PHE B 145 8.81 -1.78 4.79
C PHE B 145 7.33 -1.51 4.54
N ALA B 146 6.99 -0.79 3.43
CA ALA B 146 5.62 -0.42 3.08
C ALA B 146 4.84 -1.45 2.26
N GLU B 147 5.53 -2.23 1.39
CA GLU B 147 4.77 -3.15 0.55
C GLU B 147 4.48 -4.49 1.22
N SER B 148 5.34 -4.96 2.16
CA SER B 148 5.17 -6.21 2.96
C SER B 148 5.17 -7.54 2.17
N GLY B 149 4.18 -7.71 1.27
CA GLY B 149 4.06 -8.88 0.40
C GLY B 149 5.17 -8.88 -0.62
N GLN B 150 6.18 -8.04 -0.36
CA GLN B 150 7.37 -7.81 -1.17
C GLN B 150 8.70 -7.90 -0.39
N VAL B 151 8.77 -7.72 0.98
CA VAL B 151 10.06 -8.00 1.63
C VAL B 151 9.84 -9.24 2.55
N TYR B 152 10.28 -10.39 2.03
CA TYR B 152 10.12 -11.71 2.63
C TYR B 152 11.30 -12.62 2.32
N PHE B 153 11.30 -13.77 2.99
CA PHE B 153 12.30 -14.82 2.90
C PHE B 153 11.61 -16.12 3.33
N GLY B 154 11.80 -17.19 2.57
CA GLY B 154 11.21 -18.47 2.92
C GLY B 154 11.91 -19.66 2.31
N ILE B 155 11.62 -20.86 2.84
CA ILE B 155 12.16 -22.16 2.37
C ILE B 155 11.02 -23.15 2.31
N ILE B 156 11.04 -24.04 1.31
CA ILE B 156 10.03 -25.08 1.13
C ILE B 156 10.80 -26.37 0.87
N ALA B 157 10.56 -27.42 1.68
CA ALA B 157 11.18 -28.73 1.46
C ALA B 157 10.47 -29.43 0.34
N LEU B 158 11.23 -29.97 -0.61
CA LEU B 158 10.63 -30.65 -1.76
C LEU B 158 10.45 -32.17 -1.51
N SER C 10 13.67 -37.41 -1.43
CA SER C 10 12.78 -36.87 -2.46
C SER C 10 13.05 -37.41 -3.90
N ASP C 11 11.98 -37.84 -4.60
CA ASP C 11 12.00 -38.41 -5.96
C ASP C 11 11.89 -37.32 -7.05
N LYS C 12 11.58 -36.08 -6.66
CA LYS C 12 11.35 -34.96 -7.54
C LYS C 12 12.59 -34.52 -8.32
N PRO C 13 12.58 -34.59 -9.69
CA PRO C 13 13.74 -34.11 -10.47
C PRO C 13 13.99 -32.62 -10.30
N VAL C 14 15.23 -32.23 -9.99
CA VAL C 14 15.62 -30.85 -9.75
C VAL C 14 17.02 -30.62 -10.31
N ALA C 15 17.37 -29.33 -10.53
CA ALA C 15 18.71 -28.90 -10.98
C ALA C 15 18.92 -27.42 -10.69
N HIS C 16 20.14 -27.06 -10.30
CA HIS C 16 20.56 -25.69 -10.05
C HIS C 16 22.00 -25.65 -10.50
N VAL C 17 22.22 -25.08 -11.68
CA VAL C 17 23.50 -24.95 -12.30
C VAL C 17 23.94 -23.48 -12.27
N VAL C 18 25.26 -23.26 -12.16
CA VAL C 18 25.89 -21.96 -12.05
C VAL C 18 26.87 -21.75 -13.20
N ALA C 19 27.09 -20.50 -13.59
CA ALA C 19 28.03 -20.14 -14.64
C ALA C 19 29.45 -20.48 -14.23
N ASN C 20 30.27 -20.90 -15.19
CA ASN C 20 31.69 -21.17 -14.98
C ASN C 20 32.44 -19.83 -15.12
N PRO C 21 33.05 -19.33 -14.01
CA PRO C 21 33.78 -18.04 -14.10
C PRO C 21 35.10 -18.11 -14.88
N GLN C 22 35.57 -19.35 -15.19
CA GLN C 22 36.82 -19.64 -15.94
C GLN C 22 36.52 -19.94 -17.43
N ALA C 23 35.26 -19.69 -17.88
CA ALA C 23 34.89 -19.89 -19.26
C ALA C 23 34.84 -18.53 -19.96
N GLU C 24 35.78 -18.33 -20.93
CA GLU C 24 35.94 -17.09 -21.72
C GLU C 24 34.83 -16.90 -22.76
N GLY C 25 34.21 -15.73 -22.75
CA GLY C 25 33.15 -15.34 -23.67
C GLY C 25 32.01 -16.33 -23.84
N GLN C 26 31.56 -16.99 -22.74
CA GLN C 26 30.47 -17.97 -22.75
C GLN C 26 29.73 -17.95 -21.40
N LEU C 27 28.47 -18.39 -21.44
CA LEU C 27 27.66 -18.63 -20.26
C LEU C 27 27.59 -20.19 -20.21
N GLN C 28 28.58 -20.75 -19.51
CA GLN C 28 28.75 -22.20 -19.40
C GLN C 28 28.24 -22.71 -18.06
N TRP C 29 27.19 -23.52 -18.10
CA TRP C 29 26.56 -24.05 -16.92
C TRP C 29 27.33 -25.20 -16.33
N LEU C 30 27.52 -25.15 -15.01
CA LEU C 30 28.25 -26.11 -14.21
C LEU C 30 27.36 -26.66 -13.14
N ASN C 31 27.41 -27.98 -12.95
CA ASN C 31 26.59 -28.69 -11.98
C ASN C 31 27.39 -29.21 -10.80
N ARG C 32 28.54 -29.85 -11.05
CA ARG C 32 29.31 -30.39 -9.94
C ARG C 32 30.49 -29.51 -9.68
N ARG C 33 30.16 -28.37 -9.06
CA ARG C 33 31.08 -27.36 -8.62
C ARG C 33 30.46 -26.56 -7.45
N ALA C 34 30.09 -27.26 -6.33
CA ALA C 34 29.65 -26.79 -4.99
C ALA C 34 28.48 -25.80 -4.89
N ASN C 35 27.45 -26.24 -4.14
CA ASN C 35 26.16 -25.58 -3.90
C ASN C 35 25.24 -25.68 -5.11
N ALA C 36 25.80 -26.21 -6.22
CA ALA C 36 25.15 -26.47 -7.50
C ALA C 36 24.86 -27.97 -7.57
N LEU C 37 23.76 -28.37 -8.24
CA LEU C 37 23.38 -29.80 -8.35
C LEU C 37 22.46 -30.16 -9.52
N LEU C 38 22.36 -31.48 -9.76
CA LEU C 38 21.47 -32.21 -10.68
C LEU C 38 20.98 -33.35 -9.81
N ALA C 39 19.68 -33.59 -9.80
CA ALA C 39 19.13 -34.66 -9.00
C ALA C 39 17.97 -35.34 -9.71
N ASN C 40 17.73 -36.62 -9.33
CA ASN C 40 16.65 -37.51 -9.78
C ASN C 40 16.45 -37.51 -11.30
N GLY C 41 17.55 -37.66 -12.04
CA GLY C 41 17.50 -37.82 -13.48
C GLY C 41 17.82 -36.63 -14.38
N VAL C 42 17.88 -35.40 -13.84
CA VAL C 42 18.20 -34.24 -14.67
C VAL C 42 19.68 -34.38 -15.10
N GLU C 43 19.96 -34.27 -16.41
CA GLU C 43 21.35 -34.34 -16.88
C GLU C 43 21.75 -33.08 -17.66
N LEU C 44 23.00 -32.62 -17.47
CA LEU C 44 23.56 -31.45 -18.13
C LEU C 44 24.36 -31.91 -19.37
N ARG C 45 23.77 -31.72 -20.57
CA ARG C 45 24.37 -32.11 -21.84
C ARG C 45 24.42 -30.97 -22.83
N ASP C 46 25.60 -30.72 -23.38
CA ASP C 46 25.82 -29.69 -24.40
C ASP C 46 25.27 -28.33 -23.95
N ASN C 47 25.50 -28.01 -22.66
CA ASN C 47 25.08 -26.77 -21.96
C ASN C 47 23.56 -26.64 -21.84
N GLN C 48 22.84 -27.77 -21.84
CA GLN C 48 21.39 -27.81 -21.73
C GLN C 48 20.94 -28.78 -20.63
N LEU C 49 19.88 -28.42 -19.92
CA LEU C 49 19.30 -29.28 -18.91
C LEU C 49 18.32 -30.22 -19.67
N VAL C 50 18.46 -31.54 -19.46
CA VAL C 50 17.62 -32.56 -20.09
C VAL C 50 16.58 -33.05 -19.08
N VAL C 51 15.30 -32.84 -19.39
CA VAL C 51 14.15 -33.19 -18.55
C VAL C 51 13.99 -34.71 -18.50
N PRO C 52 14.01 -35.33 -17.30
CA PRO C 52 13.94 -36.80 -17.23
C PRO C 52 12.55 -37.44 -17.29
N SER C 53 11.50 -36.71 -16.90
CA SER C 53 10.13 -37.21 -16.92
C SER C 53 9.13 -36.09 -17.15
N GLU C 54 7.92 -36.44 -17.62
CA GLU C 54 6.85 -35.49 -17.89
C GLU C 54 6.35 -34.87 -16.57
N GLY C 55 5.90 -33.61 -16.64
CA GLY C 55 5.33 -32.92 -15.50
C GLY C 55 5.43 -31.41 -15.53
N LEU C 56 4.94 -30.79 -14.44
CA LEU C 56 4.95 -29.34 -14.23
C LEU C 56 6.28 -28.98 -13.58
N TYR C 57 7.01 -28.08 -14.21
CA TYR C 57 8.29 -27.63 -13.69
C TYR C 57 8.29 -26.13 -13.47
N LEU C 58 8.96 -25.71 -12.41
CA LEU C 58 9.21 -24.29 -12.16
C LEU C 58 10.60 -24.09 -12.76
N ILE C 59 10.70 -23.24 -13.80
CA ILE C 59 11.97 -22.92 -14.48
C ILE C 59 12.37 -21.53 -14.01
N TYR C 60 13.62 -21.37 -13.56
CA TYR C 60 14.14 -20.12 -13.08
C TYR C 60 15.55 -19.86 -13.58
N SER C 61 15.90 -18.56 -13.64
CA SER C 61 17.20 -18.10 -14.09
C SER C 61 17.46 -16.67 -13.70
N GLN C 62 18.73 -16.37 -13.48
CA GLN C 62 19.18 -15.02 -13.22
C GLN C 62 20.58 -14.82 -13.81
N VAL C 63 20.79 -13.67 -14.43
CA VAL C 63 22.08 -13.30 -14.95
C VAL C 63 22.39 -11.88 -14.50
N LEU C 64 23.60 -11.64 -14.03
CA LEU C 64 23.94 -10.30 -13.62
C LEU C 64 24.89 -9.70 -14.64
N PHE C 65 24.50 -8.57 -15.20
CA PHE C 65 25.33 -7.86 -16.15
C PHE C 65 26.00 -6.71 -15.43
N LYS C 66 27.23 -6.40 -15.82
CA LYS C 66 28.03 -5.33 -15.26
C LYS C 66 28.87 -4.69 -16.38
N GLY C 67 28.74 -3.39 -16.49
CA GLY C 67 29.50 -2.60 -17.44
C GLY C 67 30.24 -1.51 -16.74
N GLN C 68 31.23 -0.95 -17.43
CA GLN C 68 32.02 0.15 -16.91
C GLN C 68 31.70 1.30 -17.83
N GLY C 69 30.75 2.10 -17.38
CA GLY C 69 30.29 3.27 -18.10
C GLY C 69 29.45 2.96 -19.30
N CYS C 70 29.16 4.01 -20.09
CA CYS C 70 28.31 3.91 -21.27
C CYS C 70 29.04 4.25 -22.58
N PRO C 71 29.31 3.22 -23.43
CA PRO C 71 29.94 3.49 -24.72
C PRO C 71 28.95 3.98 -25.77
N VAL C 75 23.58 -0.32 -26.68
CA VAL C 75 23.91 -1.64 -26.10
C VAL C 75 22.66 -2.33 -25.53
N LEU C 76 22.41 -3.53 -26.07
CA LEU C 76 21.28 -4.34 -25.70
C LEU C 76 21.69 -5.59 -25.01
N LEU C 77 21.06 -5.89 -23.86
CA LEU C 77 21.31 -7.10 -23.08
C LEU C 77 20.09 -7.98 -23.11
N THR C 78 20.27 -9.25 -23.45
CA THR C 78 19.15 -10.18 -23.53
C THR C 78 19.46 -11.45 -22.78
N HIS C 79 18.43 -12.11 -22.27
CA HIS C 79 18.53 -13.39 -21.59
C HIS C 79 17.24 -14.15 -21.93
N THR C 80 17.41 -15.37 -22.47
CA THR C 80 16.36 -16.24 -22.96
C THR C 80 16.48 -17.70 -22.50
N ILE C 81 15.36 -18.28 -22.08
CA ILE C 81 15.24 -19.70 -21.76
C ILE C 81 14.42 -20.30 -22.89
N SER C 82 14.88 -21.36 -23.53
CA SER C 82 14.13 -21.94 -24.61
C SER C 82 14.06 -23.45 -24.50
N ARG C 83 13.00 -24.00 -25.06
CA ARG C 83 12.74 -25.43 -25.01
C ARG C 83 12.90 -26.05 -26.38
N ILE C 84 13.48 -27.25 -26.42
CA ILE C 84 13.56 -28.02 -27.64
C ILE C 84 13.03 -29.39 -27.30
N ALA C 85 11.77 -29.62 -27.70
CA ALA C 85 11.10 -30.86 -27.39
C ALA C 85 11.59 -31.99 -28.28
N VAL C 86 11.66 -33.20 -27.70
CA VAL C 86 12.15 -34.45 -28.31
C VAL C 86 11.45 -34.80 -29.65
N THR C 90 15.30 -26.91 -33.29
CA THR C 90 14.90 -25.50 -33.24
C THR C 90 14.27 -25.11 -31.87
N LYS C 91 14.91 -24.12 -31.25
CA LYS C 91 14.55 -23.56 -29.97
C LYS C 91 13.29 -22.74 -30.06
N VAL C 92 12.45 -22.90 -29.05
CA VAL C 92 11.22 -22.14 -28.94
C VAL C 92 11.34 -21.46 -27.59
N ASN C 93 11.29 -20.13 -27.59
CA ASN C 93 11.46 -19.34 -26.38
C ASN C 93 10.34 -19.58 -25.38
N LEU C 94 10.71 -19.87 -24.13
CA LEU C 94 9.76 -19.99 -23.04
C LEU C 94 9.66 -18.66 -22.32
N LEU C 95 10.83 -18.11 -21.98
CA LEU C 95 10.96 -16.86 -21.23
C LEU C 95 12.07 -16.07 -21.90
N SER C 96 11.85 -14.76 -22.06
CA SER C 96 12.80 -13.86 -22.70
C SER C 96 12.66 -12.48 -22.11
N ALA C 97 13.77 -11.73 -22.09
CA ALA C 97 13.80 -10.37 -21.57
C ALA C 97 14.92 -9.58 -22.24
N ILE C 98 14.67 -8.29 -22.51
CA ILE C 98 15.63 -7.37 -23.14
C ILE C 98 15.82 -6.16 -22.24
N LYS C 99 17.06 -5.66 -22.09
CA LYS C 99 17.40 -4.52 -21.25
C LYS C 99 18.39 -3.59 -21.93
N SER C 100 18.14 -2.26 -21.80
CA SER C 100 18.97 -1.20 -22.34
C SER C 100 19.60 -0.51 -21.13
N PRO C 101 20.81 -0.91 -20.69
CA PRO C 101 21.38 -0.30 -19.48
C PRO C 101 21.90 1.13 -19.68
N CYS C 102 22.16 1.52 -20.95
CA CYS C 102 22.72 2.83 -21.31
C CYS C 102 21.68 3.75 -21.95
N GLN C 103 21.27 4.82 -21.25
CA GLN C 103 20.28 5.79 -21.74
C GLN C 103 20.90 7.16 -22.07
N ALA C 112 33.22 7.54 -15.88
CA ALA C 112 33.07 6.14 -16.27
C ALA C 112 32.63 5.30 -15.05
N LYS C 113 31.42 5.61 -14.53
CA LYS C 113 30.81 4.95 -13.38
C LYS C 113 30.21 3.58 -13.77
N PRO C 114 30.44 2.51 -12.96
CA PRO C 114 29.93 1.18 -13.32
C PRO C 114 28.44 0.99 -13.11
N TRP C 115 27.80 0.18 -13.97
CA TRP C 115 26.38 -0.15 -13.88
C TRP C 115 26.21 -1.65 -13.67
N TYR C 116 25.14 -2.04 -12.97
CA TYR C 116 24.80 -3.44 -12.70
C TYR C 116 23.36 -3.65 -13.11
N GLU C 117 23.10 -4.64 -13.95
CA GLU C 117 21.74 -4.93 -14.41
C GLU C 117 21.40 -6.43 -14.36
N PRO C 118 20.62 -6.89 -13.35
CA PRO C 118 20.25 -8.31 -13.34
C PRO C 118 19.04 -8.57 -14.22
N ILE C 119 18.99 -9.77 -14.84
CA ILE C 119 17.84 -10.17 -15.63
C ILE C 119 17.32 -11.45 -15.00
N TYR C 120 16.02 -11.44 -14.65
CA TYR C 120 15.34 -12.57 -14.02
C TYR C 120 14.39 -13.20 -15.00
N LEU C 121 14.34 -14.53 -15.00
CA LEU C 121 13.43 -15.29 -15.83
C LEU C 121 12.89 -16.44 -15.02
N GLY C 122 11.59 -16.65 -15.10
CA GLY C 122 10.96 -17.73 -14.37
C GLY C 122 9.48 -17.91 -14.65
N GLY C 123 9.02 -19.13 -14.42
CA GLY C 123 7.63 -19.53 -14.60
C GLY C 123 7.41 -21.02 -14.45
N VAL C 124 6.14 -21.43 -14.52
CA VAL C 124 5.69 -22.84 -14.45
C VAL C 124 5.33 -23.29 -15.87
N PHE C 125 5.98 -24.38 -16.30
CA PHE C 125 5.79 -24.94 -17.63
C PHE C 125 5.53 -26.43 -17.58
N GLN C 126 4.78 -26.94 -18.56
CA GLN C 126 4.53 -28.36 -18.73
C GLN C 126 5.63 -28.83 -19.66
N LEU C 127 6.50 -29.73 -19.16
CA LEU C 127 7.62 -30.30 -19.94
C LEU C 127 7.46 -31.81 -20.10
N GLU C 128 8.09 -32.37 -21.15
CA GLU C 128 8.03 -33.78 -21.49
C GLU C 128 9.40 -34.44 -21.39
N LYS C 129 9.44 -35.79 -21.28
CA LYS C 129 10.69 -36.56 -21.19
C LYS C 129 11.55 -36.27 -22.42
N GLY C 130 12.80 -35.87 -22.20
CA GLY C 130 13.74 -35.61 -23.29
C GLY C 130 13.83 -34.18 -23.79
N ASP C 131 13.00 -33.28 -23.23
CA ASP C 131 13.03 -31.85 -23.55
C ASP C 131 14.37 -31.29 -23.08
N ARG C 132 14.98 -30.46 -23.92
CA ARG C 132 16.25 -29.86 -23.59
C ARG C 132 16.04 -28.37 -23.41
N LEU C 133 16.43 -27.84 -22.25
CA LEU C 133 16.27 -26.43 -21.93
C LEU C 133 17.61 -25.74 -21.94
N SER C 134 17.67 -24.57 -22.53
CA SER C 134 18.87 -23.76 -22.57
C SER C 134 18.61 -22.38 -22.00
N ALA C 135 19.60 -21.78 -21.34
CA ALA C 135 19.49 -20.43 -20.77
C ALA C 135 20.64 -19.65 -21.40
N GLU C 136 20.31 -18.69 -22.26
CA GLU C 136 21.34 -17.96 -23.01
C GLU C 136 21.31 -16.46 -22.88
N ILE C 137 22.46 -15.84 -23.12
CA ILE C 137 22.62 -14.38 -23.14
C ILE C 137 23.24 -13.96 -24.46
N ASN C 138 23.08 -12.68 -24.84
CA ASN C 138 23.66 -12.19 -26.10
C ASN C 138 25.09 -11.67 -25.92
N ARG C 139 25.38 -10.98 -24.77
CA ARG C 139 26.72 -10.44 -24.50
C ARG C 139 27.42 -11.05 -23.27
N PRO C 140 28.25 -12.11 -23.44
CA PRO C 140 28.97 -12.68 -22.30
C PRO C 140 30.11 -11.81 -21.83
N ASP C 141 30.45 -10.76 -22.58
CA ASP C 141 31.50 -9.81 -22.21
C ASP C 141 31.07 -8.90 -21.08
N TYR C 142 29.76 -8.75 -20.89
CA TYR C 142 29.16 -7.95 -19.83
C TYR C 142 28.73 -8.78 -18.61
N LEU C 143 28.90 -10.11 -18.70
CA LEU C 143 28.55 -11.03 -17.63
C LEU C 143 29.40 -10.77 -16.37
N ASP C 144 28.75 -10.80 -15.17
CA ASP C 144 29.42 -10.61 -13.87
C ASP C 144 29.36 -11.87 -12.95
N PHE C 145 30.44 -12.63 -12.86
CA PHE C 145 30.52 -13.78 -11.96
C PHE C 145 31.66 -13.60 -10.91
N ALA C 146 32.03 -12.31 -10.64
CA ALA C 146 33.04 -11.90 -9.64
C ALA C 146 32.73 -12.56 -8.29
N GLU C 147 31.43 -12.72 -7.97
CA GLU C 147 31.03 -13.38 -6.74
C GLU C 147 30.16 -14.57 -7.05
N SER C 148 30.22 -15.59 -6.18
CA SER C 148 29.42 -16.80 -6.29
C SER C 148 27.94 -16.50 -5.97
N GLY C 149 27.04 -17.11 -6.74
CA GLY C 149 25.60 -16.96 -6.62
C GLY C 149 25.00 -15.82 -7.40
N GLN C 150 25.72 -15.29 -8.39
CA GLN C 150 25.28 -14.11 -9.15
C GLN C 150 24.68 -14.38 -10.54
N VAL C 151 24.70 -15.64 -11.00
CA VAL C 151 24.27 -16.12 -12.32
C VAL C 151 24.07 -17.64 -12.23
N TYR C 152 22.79 -18.04 -12.31
CA TYR C 152 22.34 -19.41 -12.16
C TYR C 152 21.16 -19.71 -13.05
N PHE C 153 20.81 -20.99 -13.13
CA PHE C 153 19.73 -21.57 -13.94
C PHE C 153 19.35 -22.86 -13.24
N GLY C 154 18.08 -23.07 -13.01
CA GLY C 154 17.59 -24.29 -12.40
C GLY C 154 16.20 -24.64 -12.89
N ILE C 155 15.73 -25.84 -12.51
CA ILE C 155 14.40 -26.35 -12.74
C ILE C 155 14.01 -27.15 -11.50
N ILE C 156 12.76 -27.04 -11.07
CA ILE C 156 12.24 -27.76 -9.91
C ILE C 156 10.94 -28.42 -10.35
N ALA C 157 10.80 -29.76 -10.17
CA ALA C 157 9.56 -30.44 -10.52
C ALA C 157 8.55 -30.19 -9.42
N LEU C 158 7.32 -29.83 -9.79
CA LEU C 158 6.27 -29.56 -8.80
C LEU C 158 5.43 -30.84 -8.49
N SER D 10 -32.81 2.41 12.95
CA SER D 10 -32.51 2.67 11.54
C SER D 10 -33.74 3.27 10.77
N ASP D 11 -33.52 4.20 9.79
CA ASP D 11 -32.20 4.72 9.39
C ASP D 11 -31.63 5.68 10.48
N LYS D 12 -30.33 5.97 10.37
CA LYS D 12 -29.57 6.77 11.31
C LYS D 12 -29.86 8.28 11.22
N PRO D 13 -30.19 8.95 12.34
CA PRO D 13 -30.35 10.42 12.25
C PRO D 13 -29.02 11.10 11.91
N VAL D 14 -29.04 11.93 10.87
CA VAL D 14 -27.86 12.69 10.43
C VAL D 14 -28.28 14.11 10.00
N ALA D 15 -27.33 15.03 9.91
CA ALA D 15 -27.55 16.41 9.44
C ALA D 15 -26.25 17.06 9.04
N HIS D 16 -26.30 17.87 7.95
CA HIS D 16 -25.22 18.70 7.40
C HIS D 16 -25.80 20.05 6.93
N VAL D 17 -25.58 21.11 7.73
CA VAL D 17 -26.10 22.47 7.46
C VAL D 17 -24.99 23.41 7.14
N VAL D 18 -25.26 24.37 6.28
CA VAL D 18 -24.27 25.34 5.86
C VAL D 18 -24.74 26.75 6.17
N ALA D 19 -23.80 27.67 6.26
CA ALA D 19 -24.06 29.06 6.55
C ALA D 19 -24.73 29.73 5.38
N ASN D 20 -25.63 30.69 5.64
CA ASN D 20 -26.29 31.47 4.60
C ASN D 20 -25.36 32.62 4.21
N PRO D 21 -24.81 32.64 2.97
CA PRO D 21 -23.87 33.71 2.59
C PRO D 21 -24.54 35.08 2.38
N GLN D 22 -25.89 35.08 2.29
CA GLN D 22 -26.72 36.27 2.10
C GLN D 22 -27.09 36.93 3.44
N ALA D 23 -26.87 36.22 4.59
CA ALA D 23 -27.15 36.69 5.95
C ALA D 23 -26.01 37.56 6.48
N GLU D 24 -26.29 38.87 6.55
CA GLU D 24 -25.41 39.95 7.01
C GLU D 24 -25.08 39.86 8.53
N GLY D 25 -23.78 39.80 8.85
CA GLY D 25 -23.25 39.75 10.22
C GLY D 25 -23.86 38.69 11.12
N GLN D 26 -24.07 37.48 10.59
CA GLN D 26 -24.66 36.34 11.32
C GLN D 26 -24.10 35.01 10.80
N LEU D 27 -24.20 33.97 11.64
CA LEU D 27 -23.91 32.60 11.29
C LEU D 27 -25.29 31.90 11.29
N GLN D 28 -25.96 31.97 10.13
CA GLN D 28 -27.30 31.42 9.94
C GLN D 28 -27.24 30.09 9.17
N TRP D 29 -27.50 28.97 9.87
CA TRP D 29 -27.47 27.63 9.27
C TRP D 29 -28.69 27.34 8.35
N LEU D 30 -28.45 26.60 7.24
CA LEU D 30 -29.42 26.17 6.24
C LEU D 30 -29.38 24.61 6.08
N LEU D 37 -28.42 18.93 4.11
CA LEU D 37 -29.51 18.05 4.52
C LEU D 37 -29.71 17.86 6.05
N LEU D 38 -30.92 17.33 6.38
CA LEU D 38 -31.42 16.85 7.65
C LEU D 38 -32.05 15.49 7.29
N ALA D 39 -31.78 14.47 8.06
CA ALA D 39 -32.34 13.15 7.80
C ALA D 39 -32.73 12.45 9.08
N ASN D 40 -33.69 11.52 8.93
CA ASN D 40 -34.25 10.64 9.96
C ASN D 40 -34.56 11.35 11.30
N GLY D 41 -35.23 12.50 11.21
CA GLY D 41 -35.73 13.23 12.37
C GLY D 41 -34.97 14.44 12.87
N VAL D 42 -33.75 14.69 12.41
CA VAL D 42 -33.00 15.86 12.88
C VAL D 42 -33.72 17.10 12.34
N GLU D 43 -34.04 18.04 13.25
CA GLU D 43 -34.71 19.30 12.93
C GLU D 43 -33.71 20.44 12.97
N LEU D 44 -34.09 21.59 12.39
CA LEU D 44 -33.34 22.84 12.42
C LEU D 44 -34.33 23.94 12.92
N ARG D 45 -34.56 23.96 14.27
CA ARG D 45 -35.45 24.91 14.95
C ARG D 45 -34.63 26.02 15.55
N ASP D 46 -34.93 27.29 15.18
CA ASP D 46 -34.30 28.50 15.71
C ASP D 46 -32.77 28.48 15.65
N ASN D 47 -32.23 28.07 14.49
CA ASN D 47 -30.77 28.00 14.20
C ASN D 47 -30.04 26.93 15.00
N GLN D 48 -30.77 25.91 15.44
CA GLN D 48 -30.23 24.82 16.26
C GLN D 48 -30.65 23.47 15.71
N LEU D 49 -29.74 22.50 15.75
CA LEU D 49 -30.03 21.14 15.34
C LEU D 49 -30.74 20.44 16.51
N VAL D 50 -31.90 19.83 16.25
CA VAL D 50 -32.67 19.11 17.28
C VAL D 50 -32.47 17.60 17.17
N VAL D 51 -31.96 17.01 18.25
CA VAL D 51 -31.69 15.59 18.36
C VAL D 51 -33.00 14.81 18.43
N PRO D 52 -33.26 13.88 17.50
CA PRO D 52 -34.55 13.17 17.50
C PRO D 52 -34.68 11.95 18.42
N SER D 53 -33.55 11.30 18.76
CA SER D 53 -33.54 10.12 19.61
C SER D 53 -32.25 10.04 20.42
N GLU D 54 -32.27 9.29 21.54
CA GLU D 54 -31.12 9.09 22.42
C GLU D 54 -30.04 8.25 21.70
N GLY D 55 -28.77 8.53 22.00
CA GLY D 55 -27.64 7.80 21.43
C GLY D 55 -26.32 8.56 21.39
N LEU D 56 -25.27 7.90 20.86
CA LEU D 56 -23.94 8.45 20.66
C LEU D 56 -23.91 9.18 19.33
N TYR D 57 -23.55 10.45 19.34
CA TYR D 57 -23.48 11.24 18.13
C TYR D 57 -22.11 11.81 17.94
N LEU D 58 -21.66 11.82 16.69
CA LEU D 58 -20.43 12.48 16.32
C LEU D 58 -20.90 13.89 15.91
N ILE D 59 -20.42 14.91 16.62
CA ILE D 59 -20.76 16.31 16.37
C ILE D 59 -19.55 16.92 15.70
N TYR D 60 -19.75 17.59 14.56
CA TYR D 60 -18.66 18.24 13.81
C TYR D 60 -19.06 19.62 13.29
N SER D 61 -18.07 20.45 12.98
CA SER D 61 -18.26 21.79 12.46
C SER D 61 -16.95 22.41 11.99
N GLN D 62 -17.03 23.13 10.87
CA GLN D 62 -15.92 23.86 10.28
C GLN D 62 -16.43 25.27 10.01
N VAL D 63 -15.64 26.29 10.40
CA VAL D 63 -15.89 27.71 10.08
C VAL D 63 -14.60 28.25 9.46
N LEU D 64 -14.68 28.97 8.35
CA LEU D 64 -13.48 29.53 7.77
C LEU D 64 -13.43 31.02 8.01
N PHE D 65 -12.37 31.49 8.65
CA PHE D 65 -12.21 32.91 8.89
C PHE D 65 -11.20 33.46 7.90
N LYS D 66 -11.40 34.69 7.47
CA LYS D 66 -10.55 35.40 6.50
C LYS D 66 -10.51 36.87 6.90
N GLY D 67 -9.33 37.38 7.16
CA GLY D 67 -9.15 38.78 7.52
C GLY D 67 -8.08 39.43 6.69
N GLN D 68 -8.39 40.61 6.16
CA GLN D 68 -7.43 41.36 5.35
C GLN D 68 -6.47 42.09 6.31
N GLY D 69 -5.27 41.53 6.44
CA GLY D 69 -4.20 42.04 7.28
C GLY D 69 -4.47 41.97 8.77
N CYS D 70 -3.58 42.62 9.55
CA CYS D 70 -3.66 42.66 11.00
C CYS D 70 -3.86 44.07 11.56
N PRO D 71 -5.08 44.36 12.10
CA PRO D 71 -5.31 45.68 12.71
C PRO D 71 -4.75 45.79 14.12
N LEU D 76 -9.43 38.17 18.70
CA LEU D 76 -9.47 36.71 18.87
C LEU D 76 -10.66 36.08 18.14
N LEU D 77 -10.43 34.93 17.52
CA LEU D 77 -11.49 34.23 16.79
C LEU D 77 -11.93 33.05 17.64
N THR D 78 -13.27 32.87 17.79
CA THR D 78 -13.81 31.75 18.57
C THR D 78 -14.93 31.01 17.83
N HIS D 79 -15.05 29.72 18.10
CA HIS D 79 -16.10 28.88 17.56
C HIS D 79 -16.52 27.94 18.71
N THR D 80 -17.83 27.84 18.99
CA THR D 80 -18.37 27.04 20.09
C THR D 80 -19.63 26.26 19.71
N ILE D 81 -19.72 25.01 20.15
CA ILE D 81 -20.90 24.17 20.03
C ILE D 81 -21.45 24.02 21.45
N SER D 82 -22.72 24.44 21.65
CA SER D 82 -23.44 24.40 22.94
C SER D 82 -24.61 23.44 22.83
N ARG D 83 -25.12 22.94 23.97
CA ARG D 83 -26.27 22.05 24.07
C ARG D 83 -27.26 22.55 25.14
N ILE D 84 -28.56 22.50 24.80
CA ILE D 84 -29.65 22.81 25.72
C ILE D 84 -30.51 21.57 25.80
N ALA D 85 -30.47 20.85 26.95
CA ALA D 85 -31.28 19.64 27.16
C ALA D 85 -32.74 20.06 27.34
N VAL D 86 -33.68 19.20 27.00
CA VAL D 86 -35.10 19.53 27.10
C VAL D 86 -35.56 19.53 28.61
N SER D 87 -35.03 18.58 29.41
CA SER D 87 -35.31 18.42 30.83
C SER D 87 -34.18 19.01 31.71
N TYR D 88 -33.12 19.55 31.10
CA TYR D 88 -32.06 20.25 31.82
C TYR D 88 -31.63 21.48 31.03
N GLN D 89 -32.54 22.42 31.01
CA GLN D 89 -32.43 23.63 30.24
C GLN D 89 -31.38 24.59 30.73
N THR D 90 -30.15 24.37 30.26
CA THR D 90 -28.98 25.21 30.56
C THR D 90 -28.00 25.12 29.38
N LYS D 91 -27.49 26.30 28.94
CA LYS D 91 -26.47 26.35 27.89
C LYS D 91 -25.17 25.78 28.50
N VAL D 92 -24.75 24.63 27.94
CA VAL D 92 -23.55 23.91 28.36
C VAL D 92 -22.64 23.84 27.10
N ASN D 93 -21.38 24.32 27.20
CA ASN D 93 -20.48 24.25 26.05
C ASN D 93 -19.96 22.85 25.93
N LEU D 94 -20.09 22.25 24.72
CA LEU D 94 -19.59 20.90 24.46
C LEU D 94 -18.17 20.99 23.89
N LEU D 95 -18.00 21.85 22.88
CA LEU D 95 -16.76 22.04 22.17
C LEU D 95 -16.54 23.52 22.00
N SER D 96 -15.31 23.97 22.20
CA SER D 96 -14.94 25.36 22.04
C SER D 96 -13.50 25.44 21.58
N ALA D 97 -13.18 26.47 20.80
CA ALA D 97 -11.83 26.69 20.29
C ALA D 97 -11.61 28.18 20.06
N ILE D 98 -10.39 28.64 20.35
CA ILE D 98 -9.99 30.04 20.21
C ILE D 98 -8.74 30.08 19.33
N LYS D 99 -8.63 31.12 18.47
CA LYS D 99 -7.50 31.28 17.57
C LYS D 99 -7.06 32.74 17.50
N SER D 100 -5.72 32.96 17.50
CA SER D 100 -5.07 34.26 17.39
C SER D 100 -4.42 34.31 16.00
N PRO D 101 -5.12 34.83 14.97
CA PRO D 101 -4.55 34.80 13.61
C PRO D 101 -3.43 35.80 13.38
N PRO D 114 -3.63 39.03 3.12
CA PRO D 114 -4.79 38.33 3.69
C PRO D 114 -4.43 37.03 4.39
N TRP D 115 -5.16 36.70 5.47
CA TRP D 115 -4.98 35.48 6.23
C TRP D 115 -6.24 34.63 6.21
N TYR D 116 -6.08 33.30 6.29
CA TYR D 116 -7.19 32.35 6.32
C TYR D 116 -7.00 31.44 7.50
N GLU D 117 -8.03 31.32 8.35
CA GLU D 117 -7.96 30.47 9.54
C GLU D 117 -9.21 29.60 9.75
N PRO D 118 -9.17 28.29 9.40
CA PRO D 118 -10.35 27.45 9.65
C PRO D 118 -10.39 26.97 11.09
N ILE D 119 -11.59 26.81 11.66
CA ILE D 119 -11.75 26.27 13.01
C ILE D 119 -12.59 25.01 12.90
N TYR D 120 -12.03 23.91 13.40
CA TYR D 120 -12.68 22.61 13.41
C TYR D 120 -13.10 22.28 14.84
N LEU D 121 -14.33 21.79 14.99
CA LEU D 121 -14.83 21.34 16.28
C LEU D 121 -15.46 20.02 16.07
N GLY D 122 -15.14 19.08 16.92
CA GLY D 122 -15.69 17.75 16.76
C GLY D 122 -15.45 16.87 17.95
N GLY D 123 -16.36 15.91 18.12
CA GLY D 123 -16.29 14.95 19.21
C GLY D 123 -17.46 14.01 19.22
N VAL D 124 -17.36 12.99 20.06
CA VAL D 124 -18.44 12.02 20.27
C VAL D 124 -19.09 12.32 21.60
N PHE D 125 -20.42 12.52 21.59
CA PHE D 125 -21.20 12.87 22.78
C PHE D 125 -22.42 11.99 22.92
N GLN D 126 -22.85 11.78 24.17
CA GLN D 126 -24.10 11.07 24.45
C GLN D 126 -25.19 12.14 24.49
N LEU D 127 -26.16 12.08 23.56
CA LEU D 127 -27.26 13.05 23.47
C LEU D 127 -28.60 12.37 23.73
N GLU D 128 -29.58 13.16 24.18
CA GLU D 128 -30.95 12.70 24.49
C GLU D 128 -31.97 13.32 23.55
N LYS D 129 -33.16 12.71 23.46
CA LYS D 129 -34.27 13.22 22.63
C LYS D 129 -34.63 14.65 23.06
N GLY D 130 -34.65 15.55 22.08
CA GLY D 130 -35.04 16.94 22.28
C GLY D 130 -33.91 17.91 22.57
N ASP D 131 -32.68 17.37 22.57
CA ASP D 131 -31.47 18.16 22.81
C ASP D 131 -31.21 19.09 21.65
N ARG D 132 -31.00 20.38 21.93
CA ARG D 132 -30.79 21.39 20.89
C ARG D 132 -29.34 21.81 20.91
N LEU D 133 -28.66 21.64 19.76
CA LEU D 133 -27.25 21.98 19.59
C LEU D 133 -27.09 23.21 18.73
N SER D 134 -26.24 24.14 19.13
CA SER D 134 -25.96 25.37 18.36
C SER D 134 -24.48 25.48 18.09
N ALA D 135 -24.11 26.08 16.96
CA ALA D 135 -22.72 26.29 16.57
C ALA D 135 -22.57 27.78 16.33
N GLU D 136 -21.81 28.45 17.21
CA GLU D 136 -21.68 29.91 17.18
C GLU D 136 -20.26 30.44 17.07
N ILE D 137 -20.12 31.64 16.51
CA ILE D 137 -18.83 32.33 16.36
C ILE D 137 -18.91 33.69 17.04
N ASN D 138 -17.75 34.29 17.37
CA ASN D 138 -17.77 35.61 17.99
C ASN D 138 -17.75 36.75 16.95
N ARG D 139 -16.98 36.58 15.85
CA ARG D 139 -16.84 37.61 14.82
C ARG D 139 -17.37 37.19 13.44
N PRO D 140 -18.66 37.49 13.11
CA PRO D 140 -19.18 37.12 11.78
C PRO D 140 -18.66 38.04 10.66
N ASP D 141 -17.95 39.12 11.04
CA ASP D 141 -17.36 40.06 10.10
C ASP D 141 -16.14 39.46 9.40
N TYR D 142 -15.51 38.45 10.04
CA TYR D 142 -14.35 37.73 9.52
C TYR D 142 -14.73 36.38 8.86
N LEU D 143 -16.01 35.95 8.92
CA LEU D 143 -16.50 34.70 8.34
C LEU D 143 -16.45 34.72 6.80
N ASP D 144 -15.79 33.72 6.17
CA ASP D 144 -15.60 33.57 4.72
C ASP D 144 -16.58 32.55 4.10
N PHE D 145 -17.67 33.05 3.49
CA PHE D 145 -18.69 32.19 2.84
C PHE D 145 -18.75 32.45 1.31
N ALA D 146 -17.64 32.97 0.75
CA ALA D 146 -17.48 33.30 -0.66
C ALA D 146 -17.41 32.09 -1.59
N GLU D 147 -17.01 30.90 -1.09
CA GLU D 147 -16.92 29.69 -1.91
C GLU D 147 -18.17 28.82 -1.77
N SER D 148 -18.07 27.55 -1.34
CA SER D 148 -19.28 26.73 -1.30
C SER D 148 -19.40 25.76 -0.14
N GLY D 149 -18.27 25.24 0.37
CA GLY D 149 -18.31 24.29 1.48
C GLY D 149 -17.29 24.61 2.55
N GLN D 150 -17.17 25.91 2.89
CA GLN D 150 -16.20 26.48 3.84
C GLN D 150 -16.71 26.65 5.27
N VAL D 151 -18.02 26.51 5.46
CA VAL D 151 -18.62 26.69 6.77
C VAL D 151 -19.88 25.85 6.86
N TYR D 152 -19.78 24.75 7.64
CA TYR D 152 -20.81 23.74 7.89
C TYR D 152 -20.84 23.26 9.35
N PHE D 153 -21.97 22.69 9.74
CA PHE D 153 -22.23 22.15 11.07
C PHE D 153 -23.06 20.88 10.85
N GLY D 154 -22.81 19.84 11.63
CA GLY D 154 -23.56 18.61 11.45
C GLY D 154 -23.36 17.59 12.55
N ILE D 155 -24.22 16.58 12.54
CA ILE D 155 -24.22 15.51 13.53
C ILE D 155 -24.47 14.20 12.80
N ILE D 156 -23.85 13.11 13.27
CA ILE D 156 -24.00 11.76 12.70
C ILE D 156 -24.25 10.82 13.86
N ALA D 157 -25.35 10.07 13.83
CA ALA D 157 -25.62 9.09 14.88
C ALA D 157 -24.74 7.86 14.65
N LEU D 158 -24.09 7.38 15.69
CA LEU D 158 -23.23 6.20 15.59
C LEU D 158 -24.02 4.89 15.92
N SER E 10 -27.24 -10.80 17.32
CA SER E 10 -28.32 -9.84 17.03
C SER E 10 -27.83 -8.62 16.20
N ASP E 11 -26.75 -7.95 16.67
CA ASP E 11 -26.23 -6.76 16.01
C ASP E 11 -24.78 -6.89 15.54
N LYS E 12 -24.19 -5.72 15.20
CA LYS E 12 -22.84 -5.51 14.69
C LYS E 12 -21.84 -5.09 15.80
N PRO E 13 -20.61 -5.65 15.81
CA PRO E 13 -19.61 -5.29 16.83
C PRO E 13 -19.27 -3.80 16.83
N VAL E 14 -19.32 -3.14 18.01
CA VAL E 14 -18.99 -1.71 18.18
C VAL E 14 -18.21 -1.48 19.48
N ALA E 15 -17.52 -0.33 19.60
CA ALA E 15 -16.81 0.08 20.78
C ALA E 15 -16.54 1.57 20.76
N HIS E 16 -16.62 2.22 21.94
CA HIS E 16 -16.25 3.62 22.08
C HIS E 16 -15.57 3.74 23.45
N VAL E 17 -14.24 3.95 23.45
CA VAL E 17 -13.51 4.02 24.70
C VAL E 17 -12.94 5.42 24.90
N VAL E 18 -12.78 5.84 26.16
CA VAL E 18 -12.31 7.17 26.50
C VAL E 18 -11.03 7.12 27.33
N ALA E 19 -10.27 8.24 27.37
CA ALA E 19 -9.04 8.33 28.18
C ALA E 19 -9.40 8.22 29.66
N ASN E 20 -8.72 7.35 30.39
CA ASN E 20 -9.00 7.18 31.81
C ASN E 20 -8.44 8.36 32.66
N PRO E 21 -9.26 8.98 33.55
CA PRO E 21 -8.75 10.11 34.37
C PRO E 21 -7.73 9.71 35.45
N GLN E 22 -7.71 8.42 35.86
CA GLN E 22 -6.83 7.83 36.88
C GLN E 22 -5.40 7.60 36.38
N ALA E 23 -5.24 7.52 35.05
CA ALA E 23 -3.95 7.46 34.39
C ALA E 23 -3.58 8.94 34.08
N GLU E 24 -2.31 9.25 34.13
CA GLU E 24 -1.82 10.61 33.89
C GLU E 24 -0.39 10.46 33.41
N GLY E 25 -0.10 11.12 32.31
CA GLY E 25 1.19 11.01 31.66
C GLY E 25 1.33 9.70 30.88
N GLN E 26 0.20 9.08 30.52
CA GLN E 26 0.13 7.81 29.79
C GLN E 26 -1.32 7.62 29.35
N LEU E 27 -1.59 7.73 28.04
CA LEU E 27 -2.94 7.59 27.47
C LEU E 27 -3.45 6.12 27.58
N GLN E 28 -4.14 5.84 28.69
CA GLN E 28 -4.70 4.51 28.97
C GLN E 28 -6.24 4.52 28.77
N TRP E 29 -6.74 3.89 27.66
CA TRP E 29 -8.16 3.82 27.32
C TRP E 29 -8.96 3.01 28.35
N LEU E 30 -10.14 3.57 28.71
CA LEU E 30 -11.12 3.07 29.66
C LEU E 30 -12.41 2.80 28.86
N ASN E 31 -13.00 1.61 29.11
CA ASN E 31 -14.24 1.18 28.46
C ASN E 31 -15.45 1.25 29.43
N ARG E 32 -16.65 1.61 28.90
CA ARG E 32 -17.88 1.70 29.72
C ARG E 32 -19.16 1.20 28.95
N LEU E 38 -17.71 -0.80 24.07
CA LEU E 38 -17.72 -2.25 23.90
C LEU E 38 -19.15 -2.83 23.69
N ALA E 39 -19.28 -3.73 22.68
CA ALA E 39 -20.49 -4.49 22.32
C ALA E 39 -20.19 -5.55 21.25
N ASN E 40 -21.00 -6.62 21.26
CA ASN E 40 -20.99 -7.79 20.36
C ASN E 40 -19.56 -8.36 20.06
N GLY E 41 -18.77 -8.54 21.11
CA GLY E 41 -17.46 -9.17 20.99
C GLY E 41 -16.23 -8.30 21.02
N VAL E 42 -16.33 -6.96 20.84
CA VAL E 42 -15.13 -6.12 20.85
C VAL E 42 -14.57 -6.09 22.28
N GLU E 43 -13.30 -6.36 22.44
CA GLU E 43 -12.74 -6.36 23.78
C GLU E 43 -11.71 -5.28 23.91
N LEU E 44 -11.52 -4.77 25.12
CA LEU E 44 -10.43 -3.86 25.40
C LEU E 44 -9.46 -4.71 26.24
N ARG E 45 -8.37 -5.15 25.59
CA ARG E 45 -7.33 -5.98 26.17
C ARG E 45 -5.94 -5.48 25.76
N ASP E 46 -5.15 -5.14 26.78
CA ASP E 46 -3.79 -4.60 26.75
C ASP E 46 -3.72 -3.24 26.05
N ASN E 47 -4.72 -2.35 26.31
CA ASN E 47 -4.86 -0.99 25.76
C ASN E 47 -5.08 -0.99 24.23
N GLN E 48 -5.65 -2.11 23.72
CA GLN E 48 -5.96 -2.28 22.31
C GLN E 48 -7.38 -2.82 22.09
N LEU E 49 -8.04 -2.38 21.06
CA LEU E 49 -9.34 -2.92 20.71
C LEU E 49 -9.09 -4.19 19.87
N VAL E 50 -9.68 -5.31 20.27
CA VAL E 50 -9.54 -6.60 19.59
C VAL E 50 -10.78 -6.81 18.74
N VAL E 51 -10.56 -7.01 17.44
CA VAL E 51 -11.60 -7.23 16.44
C VAL E 51 -12.17 -8.65 16.62
N PRO E 52 -13.50 -8.79 16.86
CA PRO E 52 -14.08 -10.12 17.08
C PRO E 52 -14.41 -10.94 15.84
N SER E 53 -14.67 -10.28 14.68
CA SER E 53 -15.04 -10.94 13.44
C SER E 53 -14.56 -10.16 12.23
N GLU E 54 -14.40 -10.85 11.07
CA GLU E 54 -13.98 -10.24 9.81
C GLU E 54 -15.08 -9.28 9.35
N GLY E 55 -14.69 -8.11 8.86
CA GLY E 55 -15.67 -7.11 8.42
C GLY E 55 -15.09 -5.78 8.03
N LEU E 56 -15.93 -4.91 7.52
CA LEU E 56 -15.61 -3.53 7.19
C LEU E 56 -15.91 -2.74 8.43
N TYR E 57 -14.91 -2.03 8.94
CA TYR E 57 -15.04 -1.25 10.17
C TYR E 57 -14.74 0.21 9.94
N LEU E 58 -15.50 1.08 10.59
CA LEU E 58 -15.23 2.51 10.60
C LEU E 58 -14.40 2.70 11.87
N ILE E 59 -13.16 3.13 11.74
CA ILE E 59 -12.24 3.40 12.84
C ILE E 59 -12.15 4.93 13.02
N TYR E 60 -12.35 5.42 14.24
CA TYR E 60 -12.32 6.85 14.54
C TYR E 60 -11.59 7.13 15.83
N SER E 61 -11.01 8.35 15.93
CA SER E 61 -10.23 8.76 17.08
C SER E 61 -10.00 10.24 17.15
N GLN E 62 -9.84 10.76 18.37
CA GLN E 62 -9.54 12.17 18.62
C GLN E 62 -8.75 12.32 19.90
N VAL E 63 -7.75 13.22 19.90
CA VAL E 63 -6.96 13.53 21.08
C VAL E 63 -6.82 15.04 21.20
N LEU E 64 -6.99 15.58 22.41
CA LEU E 64 -6.82 17.00 22.61
C LEU E 64 -5.51 17.29 23.32
N PHE E 65 -4.69 18.12 22.72
CA PHE E 65 -3.44 18.51 23.34
C PHE E 65 -3.61 19.90 23.89
N LYS E 66 -2.95 20.20 25.00
CA LYS E 66 -2.97 21.47 25.68
C LYS E 66 -1.60 21.80 26.29
N GLY E 67 -1.15 23.03 26.03
CA GLY E 67 0.07 23.62 26.54
C GLY E 67 -0.27 24.92 27.26
N GLN E 68 0.72 25.50 27.96
CA GLN E 68 0.57 26.74 28.74
C GLN E 68 1.45 27.86 28.21
N GLY E 69 1.95 27.66 27.02
CA GLY E 69 2.87 28.55 26.32
C GLY E 69 3.78 27.78 25.39
N CYS E 70 4.82 28.46 24.87
CA CYS E 70 5.78 27.87 23.92
C CYS E 70 7.21 27.78 24.49
N PRO E 71 7.69 26.55 24.81
CA PRO E 71 9.05 26.42 25.35
C PRO E 71 10.12 26.43 24.27
N VAL E 75 8.69 21.01 19.26
CA VAL E 75 7.43 20.57 19.86
C VAL E 75 6.54 19.93 18.80
N LEU E 76 6.70 18.62 18.64
CA LEU E 76 5.91 17.86 17.69
C LEU E 76 4.88 17.01 18.39
N LEU E 77 3.62 17.09 17.95
CA LEU E 77 2.53 16.31 18.48
C LEU E 77 2.04 15.35 17.43
N THR E 78 1.93 14.06 17.77
CA THR E 78 1.47 13.04 16.84
C THR E 78 0.37 12.18 17.44
N HIS E 79 -0.49 11.63 16.58
CA HIS E 79 -1.55 10.71 16.92
C HIS E 79 -1.62 9.68 15.82
N THR E 80 -1.61 8.39 16.20
CA THR E 80 -1.57 7.26 15.28
C THR E 80 -2.45 6.11 15.68
N ILE E 81 -3.17 5.55 14.70
CA ILE E 81 -3.94 4.32 14.85
C ILE E 81 -3.15 3.25 14.04
N SER E 82 -2.88 2.11 14.69
CA SER E 82 -2.11 1.02 14.11
C SER E 82 -2.86 -0.28 14.18
N ARG E 83 -2.59 -1.15 13.19
CA ARG E 83 -3.15 -2.50 13.13
C ARG E 83 -2.02 -3.52 13.37
N ILE E 84 -2.30 -4.48 14.29
CA ILE E 84 -1.40 -5.60 14.61
C ILE E 84 -2.16 -6.82 14.18
N ALA E 85 -1.84 -7.33 12.99
CA ALA E 85 -2.49 -8.51 12.40
C ALA E 85 -2.25 -9.76 13.21
N VAL E 86 -3.19 -10.71 13.18
CA VAL E 86 -3.12 -11.96 13.98
C VAL E 86 -1.93 -12.84 13.54
N SER E 87 -1.67 -12.92 12.23
CA SER E 87 -0.60 -13.71 11.60
C SER E 87 0.83 -13.45 12.17
N TYR E 88 1.55 -12.49 11.56
CA TYR E 88 2.94 -12.20 11.92
C TYR E 88 3.11 -11.19 13.06
N GLN E 89 2.01 -10.55 13.48
CA GLN E 89 1.95 -9.56 14.55
C GLN E 89 2.85 -8.35 14.25
N THR E 90 2.83 -7.93 12.98
CA THR E 90 3.51 -6.74 12.50
C THR E 90 2.65 -5.54 12.97
N LYS E 91 3.26 -4.40 13.30
CA LYS E 91 2.50 -3.21 13.70
C LYS E 91 2.62 -2.21 12.54
N VAL E 92 1.49 -1.93 11.85
CA VAL E 92 1.42 -1.04 10.67
C VAL E 92 0.47 0.14 10.94
N ASN E 93 0.88 1.36 10.56
CA ASN E 93 0.04 2.57 10.71
C ASN E 93 -1.10 2.53 9.73
N LEU E 94 -2.32 2.70 10.22
CA LEU E 94 -3.51 2.81 9.38
C LEU E 94 -3.78 4.28 9.12
N LEU E 95 -3.77 5.08 10.21
CA LEU E 95 -4.04 6.52 10.19
C LEU E 95 -3.01 7.20 11.08
N SER E 96 -2.50 8.36 10.65
CA SER E 96 -1.49 9.12 11.40
C SER E 96 -1.59 10.58 11.05
N ALA E 97 -1.26 11.46 12.00
CA ALA E 97 -1.28 12.92 11.81
C ALA E 97 -0.27 13.57 12.75
N ILE E 98 0.35 14.68 12.29
CA ILE E 98 1.38 15.42 13.01
C ILE E 98 0.99 16.89 13.11
N LYS E 99 1.34 17.56 14.23
CA LYS E 99 1.05 18.96 14.50
C LYS E 99 2.18 19.68 15.22
N SER E 100 2.48 20.91 14.80
CA SER E 100 3.50 21.79 15.39
C SER E 100 2.75 22.96 16.02
N PRO E 101 2.40 22.88 17.32
CA PRO E 101 1.60 23.96 17.92
C PRO E 101 2.35 25.26 18.19
N CYS E 102 3.69 25.19 18.25
CA CYS E 102 4.54 26.33 18.59
C CYS E 102 5.34 26.93 17.43
N GLN E 103 5.38 28.29 17.36
CA GLN E 103 6.16 29.10 16.41
C GLN E 103 6.88 30.28 17.11
N LYS E 113 0.54 32.24 27.47
CA LYS E 113 -0.81 31.95 26.98
C LYS E 113 -1.01 30.48 26.60
N PRO E 114 -2.11 29.85 27.08
CA PRO E 114 -2.33 28.42 26.74
C PRO E 114 -2.85 28.17 25.33
N TRP E 115 -2.41 27.04 24.75
CA TRP E 115 -2.84 26.61 23.42
C TRP E 115 -3.56 25.26 23.52
N TYR E 116 -4.51 25.02 22.62
CA TYR E 116 -5.27 23.77 22.52
C TYR E 116 -5.19 23.28 21.09
N GLU E 117 -4.77 22.03 20.88
CA GLU E 117 -4.64 21.46 19.55
C GLU E 117 -5.22 20.03 19.44
N PRO E 118 -6.42 19.86 18.84
CA PRO E 118 -6.96 18.51 18.68
C PRO E 118 -6.40 17.79 17.45
N ILE E 119 -6.30 16.48 17.50
CA ILE E 119 -5.90 15.68 16.35
C ILE E 119 -6.99 14.66 16.07
N TYR E 120 -7.50 14.61 14.82
CA TYR E 120 -8.59 13.72 14.40
C TYR E 120 -8.10 12.64 13.47
N LEU E 121 -8.59 11.40 13.64
CA LEU E 121 -8.24 10.27 12.77
C LEU E 121 -9.47 9.42 12.47
N GLY E 122 -9.64 9.00 11.23
CA GLY E 122 -10.76 8.15 10.88
C GLY E 122 -10.75 7.61 9.47
N GLY E 123 -11.43 6.47 9.29
CA GLY E 123 -11.56 5.82 8.00
C GLY E 123 -12.23 4.46 8.04
N VAL E 124 -12.49 3.87 6.85
CA VAL E 124 -13.06 2.53 6.69
C VAL E 124 -11.95 1.56 6.33
N PHE E 125 -11.85 0.48 7.10
CA PHE E 125 -10.83 -0.54 6.89
C PHE E 125 -11.44 -1.94 6.92
N GLN E 126 -10.81 -2.88 6.20
CA GLN E 126 -11.19 -4.29 6.20
C GLN E 126 -10.33 -4.92 7.27
N LEU E 127 -10.96 -5.43 8.33
CA LEU E 127 -10.24 -6.07 9.45
C LEU E 127 -10.59 -7.55 9.56
N GLU E 128 -9.70 -8.33 10.17
CA GLU E 128 -9.87 -9.77 10.36
C GLU E 128 -10.01 -10.13 11.83
N LYS E 129 -10.58 -11.33 12.15
CA LYS E 129 -10.73 -11.81 13.53
C LYS E 129 -9.35 -11.87 14.22
N GLY E 130 -9.23 -11.23 15.37
CA GLY E 130 -8.00 -11.20 16.16
C GLY E 130 -7.07 -10.03 15.92
N ASP E 131 -7.40 -9.14 14.98
CA ASP E 131 -6.61 -7.94 14.72
C ASP E 131 -6.72 -7.04 15.96
N ARG E 132 -5.62 -6.43 16.33
CA ARG E 132 -5.58 -5.56 17.50
C ARG E 132 -5.27 -4.15 17.04
N LEU E 133 -6.10 -3.21 17.40
CA LEU E 133 -5.93 -1.82 17.01
C LEU E 133 -5.53 -0.99 18.21
N SER E 134 -4.55 -0.11 18.02
CA SER E 134 -4.09 0.78 19.07
C SER E 134 -4.15 2.23 18.58
N ALA E 135 -4.46 3.15 19.51
CA ALA E 135 -4.52 4.59 19.24
C ALA E 135 -3.52 5.22 20.21
N GLU E 136 -2.39 5.73 19.66
CA GLU E 136 -1.28 6.24 20.45
C GLU E 136 -0.88 7.68 20.16
N ILE E 137 -0.27 8.33 21.14
CA ILE E 137 0.27 9.69 21.03
C ILE E 137 1.74 9.69 21.39
N ASN E 138 2.49 10.70 20.96
CA ASN E 138 3.91 10.75 21.28
C ASN E 138 4.19 11.44 22.64
N ARG E 139 3.43 12.52 22.96
CA ARG E 139 3.62 13.29 24.20
C ARG E 139 2.42 13.25 25.14
N PRO E 140 2.37 12.31 26.12
CA PRO E 140 1.23 12.27 27.06
C PRO E 140 1.25 13.39 28.08
N ASP E 141 2.37 14.14 28.14
CA ASP E 141 2.54 15.27 29.05
C ASP E 141 1.72 16.48 28.60
N TYR E 142 1.36 16.53 27.30
CA TYR E 142 0.55 17.58 26.70
C TYR E 142 -0.92 17.17 26.54
N LEU E 143 -1.25 15.93 26.91
CA LEU E 143 -2.61 15.42 26.80
C LEU E 143 -3.55 16.13 27.78
N ASP E 144 -4.81 16.21 27.40
CA ASP E 144 -5.87 16.80 28.20
C ASP E 144 -6.75 15.66 28.72
N PHE E 145 -6.99 15.63 30.03
CA PHE E 145 -7.84 14.62 30.64
C PHE E 145 -8.91 15.38 31.40
N SER E 148 -12.64 14.29 27.39
CA SER E 148 -13.57 13.13 27.42
C SER E 148 -14.50 13.07 26.18
N GLY E 149 -15.09 14.21 25.81
CA GLY E 149 -15.86 14.35 24.59
C GLY E 149 -14.88 14.54 23.44
N GLN E 150 -13.63 14.91 23.75
CA GLN E 150 -12.58 15.14 22.77
C GLN E 150 -11.37 14.13 22.87
N VAL E 151 -11.28 13.22 23.91
CA VAL E 151 -10.19 12.23 23.80
C VAL E 151 -10.82 10.82 23.91
N TYR E 152 -11.02 10.23 22.73
CA TYR E 152 -11.70 8.95 22.54
C TYR E 152 -11.10 8.16 21.36
N PHE E 153 -11.58 6.90 21.24
CA PHE E 153 -11.20 5.91 20.24
C PHE E 153 -12.24 4.81 20.23
N GLY E 154 -12.81 4.58 19.05
CA GLY E 154 -13.81 3.56 18.85
C GLY E 154 -13.78 3.00 17.45
N ILE E 155 -14.54 1.92 17.25
CA ILE E 155 -14.73 1.20 15.99
C ILE E 155 -16.21 0.84 15.84
N ILE E 156 -16.70 0.83 14.62
CA ILE E 156 -18.09 0.50 14.32
C ILE E 156 -18.09 -0.41 13.11
N ALA E 157 -18.64 -1.63 13.24
CA ALA E 157 -18.75 -2.56 12.13
C ALA E 157 -19.88 -2.10 11.21
N LEU E 158 -19.58 -2.02 9.90
CA LEU E 158 -20.57 -1.57 8.91
C LEU E 158 -21.40 -2.73 8.35
N PRO F 9 -19.73 -7.96 8.17
CA PRO F 9 -20.53 -8.85 7.29
C PRO F 9 -21.71 -8.14 6.58
N SER F 10 -21.36 -7.02 5.87
CA SER F 10 -22.13 -5.98 5.16
C SER F 10 -22.11 -5.98 3.59
N ASP F 11 -23.01 -5.17 2.99
CA ASP F 11 -23.18 -4.91 1.54
C ASP F 11 -23.27 -3.38 1.21
N LYS F 12 -22.83 -2.54 2.17
CA LYS F 12 -22.82 -1.08 2.14
C LYS F 12 -21.61 -0.56 1.30
N PRO F 13 -21.79 0.22 0.20
CA PRO F 13 -20.61 0.70 -0.56
C PRO F 13 -19.68 1.56 0.28
N VAL F 14 -18.38 1.24 0.30
CA VAL F 14 -17.37 1.98 1.06
C VAL F 14 -16.07 2.09 0.24
N ALA F 15 -15.20 3.06 0.60
CA ALA F 15 -13.90 3.27 -0.02
C ALA F 15 -12.98 4.09 0.88
N HIS F 16 -11.69 3.79 0.86
CA HIS F 16 -10.66 4.49 1.62
C HIS F 16 -9.43 4.38 0.76
N VAL F 17 -9.10 5.48 0.10
CA VAL F 17 -7.98 5.58 -0.81
C VAL F 17 -6.90 6.46 -0.20
N VAL F 18 -5.65 6.15 -0.50
CA VAL F 18 -4.48 6.84 0.04
C VAL F 18 -3.63 7.41 -1.10
N ALA F 19 -2.90 8.49 -0.85
CA ALA F 19 -2.03 9.11 -1.86
C ALA F 19 -0.94 8.12 -2.30
N ASN F 20 -0.63 8.07 -3.61
CA ASN F 20 0.39 7.20 -4.17
C ASN F 20 1.76 7.81 -3.90
N PRO F 21 2.62 7.13 -3.09
CA PRO F 21 3.97 7.66 -2.83
C PRO F 21 4.93 7.65 -4.03
N GLN F 22 4.57 6.91 -5.10
CA GLN F 22 5.35 6.79 -6.35
C GLN F 22 4.98 7.92 -7.34
N ALA F 23 3.90 8.70 -7.05
CA ALA F 23 3.40 9.81 -7.88
C ALA F 23 3.99 11.19 -7.50
N GLU F 24 4.85 11.70 -8.39
CA GLU F 24 5.60 12.96 -8.24
C GLU F 24 4.77 14.23 -8.50
N GLY F 25 4.72 15.12 -7.48
CA GLY F 25 3.99 16.39 -7.54
C GLY F 25 2.55 16.25 -7.95
N GLN F 26 1.85 15.25 -7.38
CA GLN F 26 0.44 14.94 -7.62
C GLN F 26 -0.20 14.35 -6.36
N LEU F 27 -1.54 14.50 -6.25
CA LEU F 27 -2.32 13.87 -5.23
C LEU F 27 -3.09 12.77 -5.97
N GLN F 28 -2.43 11.60 -6.11
CA GLN F 28 -3.00 10.48 -6.83
C GLN F 28 -3.53 9.41 -5.87
N TRP F 29 -4.83 9.21 -5.88
CA TRP F 29 -5.47 8.24 -5.01
C TRP F 29 -5.28 6.76 -5.43
N LEU F 30 -5.10 5.84 -4.43
CA LEU F 30 -4.91 4.40 -4.61
C LEU F 30 -5.46 3.60 -3.40
N ALA F 34 -3.45 -2.83 1.13
CA ALA F 34 -3.05 -2.97 2.55
C ALA F 34 -3.94 -2.19 3.54
N ASN F 35 -3.66 -0.87 3.71
CA ASN F 35 -4.41 0.07 4.55
C ASN F 35 -5.35 0.96 3.67
N ALA F 36 -5.86 0.35 2.58
CA ALA F 36 -6.72 1.00 1.58
C ALA F 36 -7.65 -0.01 0.90
N LEU F 37 -8.85 0.44 0.47
CA LEU F 37 -9.85 -0.40 -0.21
C LEU F 37 -10.95 0.35 -0.97
N LEU F 38 -11.66 -0.41 -1.85
CA LEU F 38 -12.87 -0.08 -2.58
C LEU F 38 -13.75 -1.34 -2.35
N ALA F 39 -15.01 -1.15 -1.92
CA ALA F 39 -15.92 -2.26 -1.65
C ALA F 39 -17.33 -1.96 -2.11
N ASN F 40 -18.10 -3.04 -2.35
CA ASN F 40 -19.49 -3.08 -2.82
C ASN F 40 -19.83 -2.05 -3.94
N GLY F 41 -18.98 -1.99 -4.98
CA GLY F 41 -19.24 -1.16 -6.14
C GLY F 41 -18.53 0.17 -6.31
N VAL F 42 -17.88 0.69 -5.25
CA VAL F 42 -17.17 1.97 -5.39
C VAL F 42 -15.95 1.74 -6.32
N GLU F 43 -15.72 2.71 -7.24
CA GLU F 43 -14.62 2.59 -8.21
C GLU F 43 -13.66 3.76 -8.10
N LEU F 44 -12.42 3.51 -8.55
CA LEU F 44 -11.43 4.55 -8.70
C LEU F 44 -11.38 4.67 -10.20
N ARG F 45 -11.61 5.89 -10.69
CA ARG F 45 -11.66 6.16 -12.11
C ARG F 45 -11.27 7.61 -12.32
N ASP F 46 -10.22 7.82 -13.08
CA ASP F 46 -9.67 9.13 -13.42
C ASP F 46 -9.43 10.02 -12.17
N ASN F 47 -8.90 9.39 -11.10
CA ASN F 47 -8.58 9.96 -9.79
C ASN F 47 -9.82 10.45 -9.03
N GLN F 48 -10.99 9.83 -9.32
CA GLN F 48 -12.25 10.17 -8.68
C GLN F 48 -12.96 8.93 -8.17
N LEU F 49 -13.59 9.05 -6.99
CA LEU F 49 -14.39 7.95 -6.47
C LEU F 49 -15.78 8.03 -7.15
N VAL F 50 -16.22 6.92 -7.75
CA VAL F 50 -17.50 6.85 -8.44
C VAL F 50 -18.50 6.15 -7.54
N VAL F 51 -19.59 6.85 -7.24
CA VAL F 51 -20.69 6.40 -6.39
C VAL F 51 -21.51 5.32 -7.13
N PRO F 52 -21.64 4.10 -6.56
CA PRO F 52 -22.37 3.02 -7.25
C PRO F 52 -23.89 3.04 -7.16
N SER F 53 -24.45 3.64 -6.08
CA SER F 53 -25.90 3.69 -5.85
C SER F 53 -26.30 4.95 -5.11
N GLU F 54 -27.58 5.36 -5.22
CA GLU F 54 -28.13 6.54 -4.55
C GLU F 54 -28.18 6.29 -3.03
N GLY F 55 -27.99 7.36 -2.26
CA GLY F 55 -28.06 7.31 -0.80
C GLY F 55 -27.27 8.37 -0.07
N LEU F 56 -27.28 8.27 1.26
CA LEU F 56 -26.57 9.17 2.17
C LEU F 56 -25.17 8.62 2.38
N TYR F 57 -24.16 9.44 2.11
CA TYR F 57 -22.76 9.05 2.27
C TYR F 57 -22.03 9.99 3.18
N LEU F 58 -21.14 9.44 3.99
CA LEU F 58 -20.24 10.22 4.81
C LEU F 58 -18.99 10.31 3.96
N ILE F 59 -18.59 11.55 3.60
CA ILE F 59 -17.40 11.84 2.80
C ILE F 59 -16.37 12.40 3.76
N TYR F 60 -15.15 11.84 3.75
CA TYR F 60 -14.07 12.29 4.63
C TYR F 60 -12.74 12.37 3.89
N SER F 61 -11.86 13.25 4.39
CA SER F 61 -10.56 13.48 3.81
C SER F 61 -9.61 14.12 4.80
N GLN F 62 -8.33 13.81 4.65
CA GLN F 62 -7.25 14.42 5.39
C GLN F 62 -6.00 14.54 4.52
N VAL F 63 -5.35 15.69 4.59
CA VAL F 63 -4.10 15.91 3.88
C VAL F 63 -3.13 16.52 4.90
N LEU F 64 -1.96 15.88 5.09
CA LEU F 64 -0.98 16.42 6.02
C LEU F 64 0.09 17.24 5.24
N PHE F 65 0.09 18.60 5.40
CA PHE F 65 1.07 19.48 4.75
C PHE F 65 2.26 19.60 5.67
N LYS F 66 3.45 19.64 5.07
CA LYS F 66 4.74 19.77 5.72
C LYS F 66 5.64 20.67 4.87
N GLY F 67 6.27 21.63 5.53
CA GLY F 67 7.19 22.55 4.87
C GLY F 67 8.38 22.87 5.76
N GLN F 68 9.58 22.88 5.17
CA GLN F 68 10.79 23.20 5.90
C GLN F 68 11.00 24.73 5.93
N GLY F 69 10.51 25.36 7.00
CA GLY F 69 10.64 26.78 7.26
C GLY F 69 9.59 27.65 6.62
N CYS F 70 9.77 28.97 6.74
CA CYS F 70 8.86 29.96 6.17
C CYS F 70 9.49 30.83 5.08
N PRO F 71 9.18 30.58 3.78
CA PRO F 71 9.78 31.41 2.72
C PRO F 71 9.03 32.71 2.51
N SER F 72 7.71 32.57 2.25
CA SER F 72 6.72 33.60 2.04
C SER F 72 5.81 33.55 3.26
N THR F 73 5.31 34.71 3.72
CA THR F 73 4.38 34.79 4.85
C THR F 73 3.05 34.21 4.40
N HIS F 74 2.66 34.44 3.13
CA HIS F 74 1.39 33.88 2.69
C HIS F 74 1.54 32.94 1.47
N VAL F 75 1.89 31.68 1.81
CA VAL F 75 1.96 30.49 0.96
C VAL F 75 0.68 29.76 1.38
N LEU F 76 -0.38 29.89 0.57
CA LEU F 76 -1.72 29.38 0.82
C LEU F 76 -1.87 27.91 0.52
N LEU F 77 -2.50 27.18 1.47
CA LEU F 77 -2.76 25.76 1.34
C LEU F 77 -4.25 25.54 1.27
N THR F 78 -4.72 24.82 0.24
CA THR F 78 -6.14 24.54 0.07
C THR F 78 -6.40 23.07 -0.15
N HIS F 79 -7.61 22.64 0.16
CA HIS F 79 -8.06 21.26 0.00
C HIS F 79 -9.55 21.34 -0.31
N THR F 80 -9.97 20.70 -1.41
CA THR F 80 -11.36 20.74 -1.82
C THR F 80 -11.89 19.37 -2.24
N ILE F 81 -13.12 19.04 -1.80
CA ILE F 81 -13.86 17.87 -2.25
C ILE F 81 -14.98 18.39 -3.14
N SER F 82 -15.07 17.87 -4.37
CA SER F 82 -16.07 18.29 -5.34
C SER F 82 -16.93 17.15 -5.82
N ARG F 83 -18.19 17.43 -6.10
CA ARG F 83 -19.13 16.45 -6.66
C ARG F 83 -19.42 16.90 -8.08
N ILE F 84 -19.39 15.94 -9.03
CA ILE F 84 -19.72 16.13 -10.44
C ILE F 84 -20.77 15.05 -10.79
N ALA F 85 -22.03 15.47 -10.90
CA ALA F 85 -23.12 14.53 -11.14
C ALA F 85 -23.23 14.10 -12.59
N VAL F 86 -23.62 12.83 -12.79
CA VAL F 86 -23.81 12.13 -14.07
C VAL F 86 -24.76 12.90 -15.03
N SER F 87 -25.81 13.50 -14.46
CA SER F 87 -26.89 14.24 -15.11
C SER F 87 -26.46 15.49 -15.90
N TYR F 88 -25.78 16.46 -15.23
CA TYR F 88 -25.44 17.72 -15.88
C TYR F 88 -23.91 18.02 -15.94
N GLN F 89 -23.07 17.09 -15.43
CA GLN F 89 -21.60 17.08 -15.46
C GLN F 89 -20.93 18.45 -15.04
N THR F 90 -21.56 19.15 -14.07
CA THR F 90 -21.09 20.42 -13.50
C THR F 90 -20.40 20.19 -12.15
N LYS F 91 -19.12 20.65 -12.03
CA LYS F 91 -18.36 20.47 -10.82
C LYS F 91 -18.71 21.49 -9.74
N VAL F 92 -19.21 21.00 -8.59
CA VAL F 92 -19.59 21.82 -7.44
C VAL F 92 -18.77 21.42 -6.16
N ASN F 93 -18.29 22.44 -5.42
CA ASN F 93 -17.56 22.20 -4.17
C ASN F 93 -18.53 21.73 -3.12
N LEU F 94 -18.21 20.58 -2.49
CA LEU F 94 -19.00 20.07 -1.38
C LEU F 94 -18.38 20.58 -0.07
N LEU F 95 -17.05 20.42 0.04
CA LEU F 95 -16.26 20.77 1.20
C LEU F 95 -15.01 21.46 0.72
N SER F 96 -14.60 22.53 1.40
CA SER F 96 -13.41 23.30 1.06
C SER F 96 -12.81 23.93 2.31
N ALA F 97 -11.47 24.09 2.32
CA ALA F 97 -10.74 24.70 3.43
C ALA F 97 -9.46 25.35 2.95
N ILE F 98 -9.10 26.52 3.53
CA ILE F 98 -7.87 27.27 3.20
C ILE F 98 -7.06 27.51 4.49
N LYS F 99 -5.71 27.43 4.41
CA LYS F 99 -4.80 27.60 5.54
C LYS F 99 -3.55 28.40 5.17
N SER F 100 -3.13 29.30 6.07
CA SER F 100 -1.92 30.12 5.95
C SER F 100 -0.93 29.63 7.01
N PRO F 101 -0.01 28.68 6.68
CA PRO F 101 0.89 28.14 7.73
C PRO F 101 2.02 29.05 8.20
N CYS F 102 2.42 30.02 7.35
CA CYS F 102 3.55 30.90 7.62
C CYS F 102 3.18 32.26 8.19
N GLN F 103 4.14 32.82 8.94
CA GLN F 103 4.19 34.15 9.55
C GLN F 103 5.68 34.55 9.69
N ARG F 104 6.29 34.95 8.52
CA ARG F 104 7.66 35.41 8.28
C ARG F 104 8.72 34.35 8.62
N PRO F 114 10.76 23.14 10.77
CA PRO F 114 9.66 22.54 10.01
C PRO F 114 8.29 22.73 10.64
N TRP F 115 7.27 22.91 9.78
CA TRP F 115 5.89 23.06 10.21
C TRP F 115 5.04 21.94 9.63
N TYR F 116 3.97 21.55 10.35
CA TYR F 116 3.03 20.51 9.93
C TYR F 116 1.63 21.09 10.05
N GLU F 117 0.85 21.02 8.97
CA GLU F 117 -0.51 21.54 8.96
C GLU F 117 -1.50 20.56 8.33
N PRO F 118 -2.32 19.83 9.14
CA PRO F 118 -3.28 18.92 8.52
C PRO F 118 -4.56 19.67 8.12
N ILE F 119 -5.20 19.25 7.04
CA ILE F 119 -6.48 19.82 6.63
C ILE F 119 -7.47 18.65 6.60
N TYR F 120 -8.57 18.80 7.34
CA TYR F 120 -9.63 17.81 7.44
C TYR F 120 -10.85 18.32 6.70
N LEU F 121 -11.55 17.42 5.99
CA LEU F 121 -12.77 17.73 5.28
C LEU F 121 -13.71 16.55 5.44
N GLY F 122 -14.96 16.85 5.75
CA GLY F 122 -15.94 15.80 5.97
C GLY F 122 -17.35 16.28 6.16
N GLY F 123 -18.28 15.38 5.89
CA GLY F 123 -19.70 15.64 6.01
C GLY F 123 -20.58 14.55 5.44
N VAL F 124 -21.90 14.69 5.67
CA VAL F 124 -22.92 13.76 5.15
C VAL F 124 -23.60 14.42 3.96
N PHE F 125 -23.59 13.72 2.81
CA PHE F 125 -24.19 14.23 1.58
C PHE F 125 -25.09 13.21 0.95
N GLN F 126 -26.10 13.70 0.22
CA GLN F 126 -27.00 12.85 -0.58
C GLN F 126 -26.35 12.76 -1.96
N LEU F 127 -25.95 11.55 -2.36
CA LEU F 127 -25.31 11.31 -3.65
C LEU F 127 -26.17 10.39 -4.53
N GLU F 128 -25.97 10.49 -5.84
CA GLU F 128 -26.71 9.69 -6.83
C GLU F 128 -25.78 8.73 -7.57
N LYS F 129 -26.34 7.67 -8.21
CA LYS F 129 -25.57 6.70 -9.01
C LYS F 129 -24.79 7.42 -10.12
N GLY F 130 -23.48 7.19 -10.18
CA GLY F 130 -22.60 7.76 -11.18
C GLY F 130 -21.93 9.08 -10.82
N ASP F 131 -22.22 9.61 -9.61
CA ASP F 131 -21.60 10.84 -9.14
C ASP F 131 -20.12 10.58 -8.92
N ARG F 132 -19.30 11.53 -9.34
CA ARG F 132 -17.87 11.39 -9.24
C ARG F 132 -17.35 12.41 -8.26
N LEU F 133 -16.63 11.94 -7.22
CA LEU F 133 -16.09 12.82 -6.18
C LEU F 133 -14.59 12.90 -6.32
N SER F 134 -14.04 14.11 -6.20
CA SER F 134 -12.62 14.33 -6.27
C SER F 134 -12.16 15.07 -5.01
N ALA F 135 -10.93 14.78 -4.54
CA ALA F 135 -10.33 15.42 -3.38
C ALA F 135 -9.02 16.00 -3.88
N GLU F 136 -8.94 17.34 -3.94
CA GLU F 136 -7.81 18.05 -4.51
C GLU F 136 -7.12 19.04 -3.61
N ILE F 137 -5.82 19.25 -3.85
CA ILE F 137 -5.00 20.23 -3.12
C ILE F 137 -4.36 21.18 -4.12
N ASN F 138 -3.94 22.38 -3.67
CA ASN F 138 -3.29 23.33 -4.56
C ASN F 138 -1.76 23.12 -4.63
N ARG F 139 -1.10 22.76 -3.51
CA ARG F 139 0.34 22.57 -3.48
C ARG F 139 0.78 21.12 -3.13
N PRO F 140 1.01 20.23 -4.13
CA PRO F 140 1.45 18.86 -3.82
C PRO F 140 2.90 18.79 -3.38
N ASP F 141 3.63 19.91 -3.50
CA ASP F 141 5.04 20.01 -3.10
C ASP F 141 5.18 20.05 -1.58
N TYR F 142 4.11 20.48 -0.89
CA TYR F 142 4.05 20.54 0.56
C TYR F 142 3.39 19.29 1.16
N LEU F 143 3.14 18.26 0.34
CA LEU F 143 2.51 17.01 0.74
C LEU F 143 3.45 16.05 1.44
N ASP F 144 3.08 15.58 2.66
CA ASP F 144 3.88 14.66 3.49
C ASP F 144 3.65 13.15 3.15
N PHE F 145 4.63 12.56 2.43
CA PHE F 145 4.65 11.17 1.96
C PHE F 145 5.42 10.23 2.89
N ALA F 146 6.12 10.78 3.90
CA ALA F 146 6.98 10.06 4.85
C ALA F 146 6.30 8.80 5.47
N GLU F 147 5.71 8.90 6.70
CA GLU F 147 5.03 7.76 7.32
C GLU F 147 3.73 7.42 6.53
N SER F 148 3.18 6.21 6.78
CA SER F 148 2.02 5.57 6.16
C SER F 148 0.80 6.47 5.83
N GLY F 149 -0.30 6.33 6.60
CA GLY F 149 -1.59 7.01 6.37
C GLY F 149 -1.80 8.39 6.93
N GLN F 150 -1.11 9.39 6.33
CA GLN F 150 -1.16 10.82 6.67
C GLN F 150 -2.05 11.64 5.70
N VAL F 151 -2.44 11.02 4.57
CA VAL F 151 -3.18 11.61 3.48
C VAL F 151 -4.06 10.55 2.83
N TYR F 152 -5.36 10.68 3.08
CA TYR F 152 -6.41 9.77 2.63
C TYR F 152 -7.72 10.51 2.25
N PHE F 153 -8.63 9.75 1.65
CA PHE F 153 -9.91 10.17 1.11
C PHE F 153 -10.77 8.89 1.08
N GLY F 154 -12.00 9.00 1.55
CA GLY F 154 -12.90 7.88 1.58
C GLY F 154 -14.34 8.32 1.56
N ILE F 155 -15.25 7.34 1.45
CA ILE F 155 -16.69 7.51 1.50
C ILE F 155 -17.27 6.26 2.17
N ILE F 156 -18.30 6.44 3.01
CA ILE F 156 -18.98 5.35 3.71
C ILE F 156 -20.47 5.56 3.50
N ALA F 157 -21.18 4.55 2.96
CA ALA F 157 -22.63 4.65 2.78
C ALA F 157 -23.30 4.42 4.12
N LEU F 158 -24.24 5.29 4.49
CA LEU F 158 -24.95 5.18 5.77
C LEU F 158 -26.23 4.33 5.63
#